data_7WKQ
#
_entry.id   7WKQ
#
_cell.length_a   86.823
_cell.length_b   103.047
_cell.length_c   105.833
_cell.angle_alpha   90.000
_cell.angle_beta   90.000
_cell.angle_gamma   90.000
#
_symmetry.space_group_name_H-M   'P 21 21 21'
#
_entity_poly.entity_id   1
_entity_poly.type   'polypeptide(L)'
_entity_poly.pdbx_seq_one_letter_code
;MSKTAKRVALVGDASFYVGPSLARELARREHNLVLGDPAEGLVDELTALGVEVEAVLGVRNLADPESAQKLVAAAQERFG
RIDSAAAFSGRVVTGKFLDSTLEDLHSVVQGCLEAPYHFLKAVVPVMVEQGDGQVLVMTSATAARPSRGASLYSSARAGA
TMMVKNVAAEVARNGVQVNAVGTNFMDFPEFLRASGANDPEIRARIEAAVPLGRLGTVEEFASFCMPFIDGTSKFTTGQF
IAYAGGWA
;
_entity_poly.pdbx_strand_id   A,B,C,D
#
# COMPACT_ATOMS: atom_id res chain seq x y z
N ALA A 5 -13.16 36.13 11.64
CA ALA A 5 -12.38 34.91 11.49
C ALA A 5 -11.06 35.10 10.71
N LYS A 6 -9.92 34.87 11.36
CA LYS A 6 -8.63 34.95 10.67
C LYS A 6 -7.89 33.62 10.62
N ARG A 7 -8.01 32.77 11.66
CA ARG A 7 -7.40 31.44 11.65
C ARG A 7 -8.09 30.44 10.73
N VAL A 8 -7.31 29.55 10.12
CA VAL A 8 -7.87 28.55 9.21
C VAL A 8 -7.86 27.13 9.81
N ALA A 9 -9.05 26.52 9.84
CA ALA A 9 -9.27 25.15 10.30
C ALA A 9 -9.78 24.33 9.11
N LEU A 10 -9.13 23.20 8.86
CA LEU A 10 -9.45 22.26 7.80
C LEU A 10 -10.11 21.04 8.42
N VAL A 11 -11.25 20.63 7.87
CA VAL A 11 -12.04 19.49 8.32
C VAL A 11 -12.17 18.53 7.15
N GLY A 12 -11.54 17.35 7.27
CA GLY A 12 -11.43 16.44 6.14
C GLY A 12 -12.78 16.01 5.57
N ASP A 13 -13.76 15.83 6.46
CA ASP A 13 -15.11 15.33 6.07
C ASP A 13 -16.18 16.04 6.89
N ALA A 14 -17.04 16.80 6.23
CA ALA A 14 -18.15 17.49 6.92
C ALA A 14 -19.48 16.96 6.38
N SER A 15 -19.46 15.80 5.77
CA SER A 15 -20.68 15.21 5.16
C SER A 15 -21.75 14.86 6.19
N PHE A 16 -21.36 14.34 7.34
CA PHE A 16 -22.37 13.81 8.28
C PHE A 16 -22.69 14.76 9.43
N TYR A 17 -22.41 14.36 10.67
CA TYR A 17 -22.84 15.20 11.83
C TYR A 17 -21.68 15.68 12.71
N VAL A 18 -20.63 14.87 12.87
CA VAL A 18 -19.48 15.22 13.76
C VAL A 18 -18.70 16.40 13.20
N GLY A 19 -18.38 16.36 11.91
CA GLY A 19 -17.57 17.42 11.29
C GLY A 19 -18.37 18.70 11.21
N PRO A 20 -19.64 18.71 10.75
CA PRO A 20 -20.40 19.92 10.82
C PRO A 20 -20.28 20.59 12.19
N SER A 21 -20.40 19.83 13.27
CA SER A 21 -20.42 20.43 14.62
C SER A 21 -19.04 20.98 14.93
N LEU A 22 -18.00 20.29 14.48
CA LEU A 22 -16.66 20.87 14.63
C LEU A 22 -16.56 22.23 13.95
N ALA A 23 -16.93 22.29 12.67
CA ALA A 23 -16.91 23.54 11.93
C ALA A 23 -17.70 24.63 12.63
N ARG A 24 -18.90 24.29 13.14
CA ARG A 24 -19.75 25.28 13.82
C ARG A 24 -19.05 25.84 15.06
N GLU A 25 -18.48 24.96 15.90
CA GLU A 25 -17.70 25.45 17.04
C GLU A 25 -16.56 26.32 16.61
N LEU A 26 -15.81 25.88 15.60
CA LEU A 26 -14.61 26.58 15.17
C LEU A 26 -14.96 27.97 14.67
N ALA A 27 -16.12 28.09 13.99
CA ALA A 27 -16.62 29.37 13.50
C ALA A 27 -16.99 30.33 14.63
N ARG A 28 -17.56 29.81 15.73
CA ARG A 28 -17.81 30.66 16.89
C ARG A 28 -16.49 31.18 17.49
N ARG A 29 -15.42 30.43 17.30
CA ARG A 29 -14.06 30.69 17.75
C ARG A 29 -13.22 31.34 16.65
N GLU A 30 -13.89 32.09 15.78
CA GLU A 30 -13.33 32.96 14.74
C GLU A 30 -12.25 32.28 13.89
N HIS A 31 -12.60 31.09 13.37
CA HIS A 31 -11.87 30.44 12.29
C HIS A 31 -12.62 30.58 10.96
N ASN A 32 -11.87 30.79 9.88
CA ASN A 32 -12.32 30.45 8.55
C ASN A 32 -12.07 28.95 8.31
N LEU A 33 -12.83 28.35 7.34
CA LEU A 33 -12.93 26.89 7.27
C LEU A 33 -12.70 26.33 5.87
N VAL A 34 -11.96 25.23 5.79
CA VAL A 34 -11.83 24.37 4.61
C VAL A 34 -12.56 23.06 4.90
N LEU A 35 -13.66 22.83 4.18
CA LEU A 35 -14.51 21.68 4.45
C LEU A 35 -14.49 20.74 3.25
N GLY A 36 -14.28 19.45 3.50
CA GLY A 36 -14.49 18.44 2.48
C GLY A 36 -15.94 18.00 2.52
N ASP A 37 -16.63 18.07 1.38
CA ASP A 37 -18.04 17.65 1.21
C ASP A 37 -18.97 18.08 2.34
N PRO A 38 -19.20 19.39 2.49
CA PRO A 38 -20.07 19.87 3.58
C PRO A 38 -21.48 19.34 3.45
N ALA A 39 -22.04 19.03 4.62
CA ALA A 39 -23.44 18.66 4.82
C ALA A 39 -24.40 19.74 4.28
N GLU A 40 -25.66 19.31 4.10
CA GLU A 40 -26.65 20.19 3.50
C GLU A 40 -26.95 21.33 4.44
N GLY A 41 -26.89 22.55 3.93
CA GLY A 41 -27.17 23.68 4.78
C GLY A 41 -25.99 24.21 5.54
N LEU A 42 -24.83 23.56 5.47
CA LEU A 42 -23.71 23.97 6.32
C LEU A 42 -23.04 25.23 5.80
N VAL A 43 -22.61 25.20 4.53
CA VAL A 43 -21.94 26.38 3.97
C VAL A 43 -22.78 27.64 4.20
N ASP A 44 -24.08 27.58 3.84
CA ASP A 44 -24.94 28.75 3.97
C ASP A 44 -25.10 29.13 5.43
N GLU A 45 -25.46 28.16 6.28
CA GLU A 45 -25.60 28.36 7.71
C GLU A 45 -24.40 29.13 8.26
N LEU A 46 -23.23 28.80 7.74
CA LEU A 46 -21.96 29.30 8.27
C LEU A 46 -21.64 30.69 7.74
N THR A 47 -21.79 30.89 6.43
CA THR A 47 -21.58 32.21 5.84
C THR A 47 -22.52 33.23 6.43
N ALA A 48 -23.73 32.83 6.82
CA ALA A 48 -24.66 33.75 7.46
C ALA A 48 -24.16 34.25 8.82
N LEU A 49 -23.22 33.57 9.46
CA LEU A 49 -22.55 34.11 10.64
C LEU A 49 -21.27 34.90 10.29
N GLY A 50 -20.96 35.05 9.00
CA GLY A 50 -19.83 35.85 8.57
C GLY A 50 -18.50 35.14 8.39
N VAL A 51 -18.49 33.83 8.34
CA VAL A 51 -17.22 33.11 8.13
C VAL A 51 -16.97 32.88 6.65
N GLU A 52 -15.70 32.79 6.27
CA GLU A 52 -15.35 32.35 4.93
C GLU A 52 -15.19 30.83 4.93
N VAL A 53 -15.60 30.17 3.84
CA VAL A 53 -15.66 28.69 3.76
C VAL A 53 -15.21 28.27 2.37
N GLU A 54 -14.27 27.31 2.29
CA GLU A 54 -13.85 26.71 1.01
C GLU A 54 -14.31 25.26 1.02
N ALA A 55 -15.37 24.97 0.25
CA ALA A 55 -15.91 23.61 0.12
C ALA A 55 -15.16 22.86 -0.98
N VAL A 56 -14.53 21.75 -0.60
CA VAL A 56 -13.72 20.91 -1.47
C VAL A 56 -14.50 19.62 -1.71
N LEU A 57 -14.71 19.25 -2.98
CA LEU A 57 -15.69 18.22 -3.33
C LEU A 57 -15.05 16.86 -3.55
N GLY A 58 -15.72 15.83 -3.04
CA GLY A 58 -15.32 14.46 -3.34
C GLY A 58 -13.97 14.08 -2.77
N VAL A 59 -13.78 14.34 -1.48
CA VAL A 59 -12.49 14.11 -0.83
C VAL A 59 -12.62 13.29 0.43
N ARG A 60 -13.83 12.89 0.82
CA ARG A 60 -13.99 12.28 2.14
C ARG A 60 -13.49 10.85 2.18
N ASN A 61 -13.02 10.28 1.07
CA ASN A 61 -12.28 9.03 1.13
C ASN A 61 -10.78 9.39 1.15
N LEU A 62 -10.21 9.37 2.35
CA LEU A 62 -8.86 9.83 2.62
C LEU A 62 -7.81 8.80 2.24
N ALA A 63 -8.21 7.53 2.07
CA ALA A 63 -7.29 6.50 1.59
C ALA A 63 -6.94 6.74 0.14
N ASP A 64 -7.80 7.49 -0.59
CA ASP A 64 -7.56 8.05 -1.93
C ASP A 64 -6.38 9.04 -1.87
N PRO A 65 -5.27 8.69 -2.51
CA PRO A 65 -4.06 9.53 -2.45
C PRO A 65 -4.29 10.97 -2.83
N GLU A 66 -5.29 11.22 -3.68
CA GLU A 66 -5.49 12.58 -4.23
C GLU A 66 -6.39 13.42 -3.33
N SER A 67 -7.15 12.79 -2.44
CA SER A 67 -8.14 13.53 -1.65
C SER A 67 -7.50 14.57 -0.72
N ALA A 68 -6.45 14.21 0.00
CA ALA A 68 -5.84 15.13 0.98
C ALA A 68 -5.22 16.33 0.29
N GLN A 69 -4.56 16.11 -0.83
CA GLN A 69 -3.88 17.23 -1.52
C GLN A 69 -4.95 18.22 -1.97
N LYS A 70 -6.06 17.73 -2.47
CA LYS A 70 -7.09 18.64 -2.99
C LYS A 70 -7.50 19.59 -1.87
N LEU A 71 -7.69 19.04 -0.67
CA LEU A 71 -8.09 19.87 0.48
C LEU A 71 -7.00 20.89 0.79
N VAL A 72 -5.75 20.44 0.84
CA VAL A 72 -4.63 21.35 1.22
C VAL A 72 -4.52 22.40 0.15
N ALA A 73 -4.62 21.98 -1.10
CA ALA A 73 -4.42 22.93 -2.21
C ALA A 73 -5.47 24.02 -2.14
N ALA A 74 -6.71 23.65 -1.87
CA ALA A 74 -7.78 24.66 -1.88
C ALA A 74 -7.48 25.67 -0.78
N ALA A 75 -6.99 25.16 0.34
CA ALA A 75 -6.69 26.05 1.47
C ALA A 75 -5.61 27.01 1.05
N GLN A 76 -4.59 26.51 0.40
CA GLN A 76 -3.45 27.39 0.05
C GLN A 76 -3.91 28.46 -0.92
N GLU A 77 -4.70 28.10 -1.92
CA GLU A 77 -5.17 29.07 -2.94
C GLU A 77 -6.12 30.09 -2.32
N ARG A 78 -7.01 29.66 -1.44
CA ARG A 78 -8.03 30.59 -0.91
C ARG A 78 -7.56 31.24 0.38
N PHE A 79 -6.71 30.58 1.15
CA PHE A 79 -6.41 31.26 2.44
C PHE A 79 -4.90 31.43 2.65
N GLY A 80 -4.10 30.53 2.09
CA GLY A 80 -2.63 30.64 2.19
C GLY A 80 -2.14 30.07 3.48
N ARG A 81 -3.08 29.61 4.32
CA ARG A 81 -2.71 29.13 5.66
C ARG A 81 -3.56 27.93 6.08
N ILE A 82 -3.02 27.08 6.94
CA ILE A 82 -3.78 25.95 7.54
C ILE A 82 -3.29 25.89 8.98
N ASP A 83 -4.04 26.49 9.91
CA ASP A 83 -3.61 26.48 11.32
C ASP A 83 -3.95 25.18 12.04
N SER A 84 -5.12 24.62 11.75
CA SER A 84 -5.59 23.38 12.35
C SER A 84 -6.11 22.48 11.26
N ALA A 85 -5.94 21.17 11.44
CA ALA A 85 -6.58 20.19 10.57
C ALA A 85 -7.03 18.98 11.38
N ALA A 86 -8.25 18.53 11.14
CA ALA A 86 -8.79 17.34 11.81
C ALA A 86 -9.26 16.33 10.77
N ALA A 87 -9.01 15.05 11.03
CA ALA A 87 -9.50 14.03 10.09
C ALA A 87 -9.62 12.70 10.83
N PHE A 88 -10.63 11.90 10.46
CA PHE A 88 -10.89 10.58 11.10
C PHE A 88 -10.46 9.46 10.17
N SER A 89 -9.78 8.46 10.73
CA SER A 89 -9.28 7.33 9.94
C SER A 89 -9.71 6.02 10.60
N GLY A 90 -10.06 5.01 9.82
CA GLY A 90 -10.36 3.72 10.45
C GLY A 90 -11.40 2.85 9.80
N ARG A 91 -11.02 1.63 9.47
CA ARG A 91 -11.99 0.64 8.95
C ARG A 91 -11.83 -0.62 9.77
N VAL A 92 -12.92 -1.20 10.27
CA VAL A 92 -12.86 -2.40 11.16
C VAL A 92 -13.29 -3.64 10.39
N VAL A 93 -12.48 -4.68 10.40
CA VAL A 93 -12.86 -5.98 9.80
C VAL A 93 -12.76 -6.99 10.93
N THR A 94 -13.82 -7.75 11.17
CA THR A 94 -13.83 -8.71 12.28
C THR A 94 -13.68 -10.11 11.73
N GLY A 95 -13.35 -11.08 12.58
CA GLY A 95 -13.20 -12.46 12.12
C GLY A 95 -11.93 -13.08 12.65
N LYS A 96 -11.91 -14.40 12.75
CA LYS A 96 -10.74 -15.08 13.35
C LYS A 96 -9.63 -15.11 12.31
N PHE A 97 -8.38 -15.18 12.77
CA PHE A 97 -7.25 -15.07 11.82
C PHE A 97 -7.28 -16.22 10.85
N LEU A 98 -7.57 -17.41 11.33
CA LEU A 98 -7.47 -18.58 10.44
C LEU A 98 -8.50 -18.48 9.32
N ASP A 99 -9.55 -17.70 9.51
CA ASP A 99 -10.64 -17.60 8.50
C ASP A 99 -10.51 -16.30 7.72
N SER A 100 -9.39 -15.61 7.82
CA SER A 100 -9.24 -14.28 7.20
C SER A 100 -8.77 -14.36 5.74
N THR A 101 -8.57 -13.20 5.10
CA THR A 101 -8.08 -13.10 3.70
C THR A 101 -7.15 -11.89 3.60
N LEU A 102 -6.18 -11.93 2.70
CA LEU A 102 -5.28 -10.78 2.48
C LEU A 102 -6.16 -9.58 2.14
N GLU A 103 -7.32 -9.85 1.58
CA GLU A 103 -8.24 -8.73 1.20
C GLU A 103 -8.61 -7.98 2.46
N ASP A 104 -8.94 -8.71 3.51
CA ASP A 104 -9.26 -8.09 4.82
C ASP A 104 -8.00 -7.39 5.34
N LEU A 105 -6.79 -7.95 5.18
CA LEU A 105 -5.62 -7.22 5.73
C LEU A 105 -5.44 -5.91 4.95
N HIS A 106 -5.69 -5.96 3.66
CA HIS A 106 -5.57 -4.74 2.84
C HIS A 106 -6.59 -3.71 3.29
N SER A 107 -7.81 -4.15 3.59
CA SER A 107 -8.87 -3.18 3.92
C SER A 107 -8.47 -2.41 5.17
N VAL A 108 -7.99 -3.13 6.16
CA VAL A 108 -7.61 -2.48 7.44
C VAL A 108 -6.41 -1.56 7.20
N VAL A 109 -5.41 -2.02 6.47
CA VAL A 109 -4.18 -1.20 6.28
C VAL A 109 -4.54 0.06 5.52
N GLN A 110 -5.37 -0.05 4.50
CA GLN A 110 -5.66 1.16 3.71
C GLN A 110 -6.37 2.17 4.59
N GLY A 111 -7.37 1.73 5.33
CA GLY A 111 -8.18 2.63 6.16
C GLY A 111 -7.49 3.15 7.39
N CYS A 112 -6.73 2.29 8.08
CA CYS A 112 -6.14 2.70 9.37
C CYS A 112 -4.71 3.22 9.21
N LEU A 113 -4.01 2.87 8.14
CA LEU A 113 -2.60 3.27 8.00
C LEU A 113 -2.41 4.25 6.84
N GLU A 114 -2.85 3.91 5.63
CA GLU A 114 -2.64 4.77 4.44
C GLU A 114 -3.40 6.08 4.58
N ALA A 115 -4.61 6.03 5.09
CA ALA A 115 -5.43 7.24 5.18
C ALA A 115 -4.81 8.28 6.11
N PRO A 116 -4.31 7.96 7.32
CA PRO A 116 -3.63 8.95 8.12
C PRO A 116 -2.36 9.43 7.43
N TYR A 117 -1.67 8.51 6.77
CA TYR A 117 -0.38 8.88 6.14
C TYR A 117 -0.64 10.00 5.14
N HIS A 118 -1.65 9.84 4.30
CA HIS A 118 -1.87 10.85 3.24
C HIS A 118 -2.24 12.18 3.86
N PHE A 119 -3.06 12.18 4.90
CA PHE A 119 -3.48 13.44 5.55
C PHE A 119 -2.28 14.15 6.15
N LEU A 120 -1.47 13.40 6.91
CA LEU A 120 -0.32 14.01 7.59
C LEU A 120 0.69 14.45 6.54
N LYS A 121 0.86 13.65 5.50
CA LYS A 121 1.88 13.95 4.47
C LYS A 121 1.54 15.23 3.73
N ALA A 122 0.28 15.63 3.73
CA ALA A 122 -0.13 16.81 2.96
C ALA A 122 -0.27 18.05 3.84
N VAL A 123 -0.68 17.89 5.09
CA VAL A 123 -0.99 19.06 5.94
C VAL A 123 0.22 19.43 6.78
N VAL A 124 1.00 18.44 7.20
CA VAL A 124 2.12 18.75 8.10
C VAL A 124 3.20 19.57 7.39
N PRO A 125 3.66 19.20 6.17
CA PRO A 125 4.67 20.04 5.49
C PRO A 125 4.34 21.53 5.40
N VAL A 126 3.05 21.84 5.21
CA VAL A 126 2.57 23.22 5.21
C VAL A 126 2.81 23.85 6.58
N MET A 127 2.37 23.17 7.64
CA MET A 127 2.52 23.71 8.99
C MET A 127 3.99 23.88 9.35
N VAL A 128 4.86 23.04 8.77
CA VAL A 128 6.30 23.16 8.96
C VAL A 128 6.80 24.44 8.32
N GLU A 129 6.45 24.66 7.04
CA GLU A 129 6.81 25.90 6.35
C GLU A 129 6.28 27.13 7.09
N GLN A 130 5.19 26.96 7.86
CA GLN A 130 4.60 28.02 8.68
C GLN A 130 5.18 28.12 10.09
N GLY A 131 5.88 27.08 10.56
CA GLY A 131 6.37 26.99 11.92
C GLY A 131 5.31 26.94 12.99
N ASP A 132 4.04 26.77 12.63
CA ASP A 132 2.93 26.68 13.58
C ASP A 132 1.84 25.80 12.98
N GLY A 133 1.19 25.02 13.85
CA GLY A 133 0.04 24.23 13.43
C GLY A 133 -0.39 23.14 14.38
N GLN A 134 -1.69 22.86 14.43
CA GLN A 134 -2.26 21.79 15.24
C GLN A 134 -2.96 20.75 14.36
N VAL A 135 -2.53 19.48 14.48
CA VAL A 135 -3.13 18.34 13.79
C VAL A 135 -3.95 17.54 14.81
N LEU A 136 -5.09 16.99 14.36
CA LEU A 136 -5.91 16.07 15.14
C LEU A 136 -6.28 14.86 14.29
N VAL A 137 -5.72 13.70 14.65
CA VAL A 137 -6.09 12.43 14.03
C VAL A 137 -7.14 11.78 14.91
N MET A 138 -8.39 11.67 14.43
CA MET A 138 -9.42 10.95 15.18
C MET A 138 -9.36 9.48 14.77
N THR A 139 -9.15 8.61 15.76
CA THR A 139 -8.88 7.21 15.49
C THR A 139 -10.10 6.32 15.70
N SER A 140 -10.13 5.25 14.90
CA SER A 140 -11.18 4.22 15.00
C SER A 140 -11.10 3.56 16.36
N ALA A 141 -12.18 2.91 16.76
CA ALA A 141 -12.23 2.35 18.12
C ALA A 141 -11.12 1.34 18.30
N THR A 142 -10.35 1.46 19.38
CA THR A 142 -9.31 0.46 19.67
C THR A 142 -10.00 -0.82 20.09
N ALA A 143 -9.45 -1.97 19.70
CA ALA A 143 -10.02 -3.27 20.08
C ALA A 143 -9.51 -3.65 21.45
N ALA A 144 -9.90 -4.83 21.94
CA ALA A 144 -9.54 -5.26 23.31
C ALA A 144 -8.14 -5.83 23.37
N ARG A 145 -7.56 -5.95 24.56
CA ARG A 145 -6.13 -6.32 24.66
C ARG A 145 -5.84 -7.72 24.14
N PRO A 146 -6.57 -8.79 24.49
CA PRO A 146 -6.35 -10.03 23.80
C PRO A 146 -7.39 -9.78 22.70
N SER A 147 -6.94 -9.27 21.54
CA SER A 147 -7.90 -8.85 20.49
C SER A 147 -8.32 -10.02 19.62
N ARG A 148 -9.00 -10.98 20.23
CA ARG A 148 -9.53 -12.11 19.46
C ARG A 148 -10.76 -11.58 18.72
N GLY A 149 -10.95 -11.98 17.47
CA GLY A 149 -12.08 -11.47 16.70
C GLY A 149 -11.65 -10.34 15.81
N ALA A 150 -10.47 -9.76 16.05
CA ALA A 150 -10.09 -8.60 15.26
C ALA A 150 -8.58 -8.50 15.10
N SER A 151 -7.91 -9.65 14.98
CA SER A 151 -6.44 -9.72 14.98
C SER A 151 -5.82 -8.72 14.01
N LEU A 152 -6.30 -8.73 12.76
CA LEU A 152 -5.70 -7.91 11.71
C LEU A 152 -5.95 -6.44 11.96
N TYR A 153 -7.21 -6.09 12.23
CA TYR A 153 -7.56 -4.69 12.51
C TYR A 153 -6.71 -4.15 13.65
N SER A 154 -6.57 -4.92 14.72
CA SER A 154 -5.71 -4.48 15.82
C SER A 154 -4.26 -4.28 15.37
N SER A 155 -3.75 -5.15 14.50
CA SER A 155 -2.39 -4.98 14.00
C SER A 155 -2.23 -3.66 13.24
N ALA A 156 -3.14 -3.40 12.30
CA ALA A 156 -3.11 -2.13 11.58
C ALA A 156 -3.32 -0.94 12.53
N ARG A 157 -4.19 -1.10 13.53
CA ARG A 157 -4.50 0.01 14.42
C ARG A 157 -3.29 0.33 15.31
N ALA A 158 -2.58 -0.71 15.76
CA ALA A 158 -1.31 -0.52 16.46
C ALA A 158 -0.29 0.19 15.59
N GLY A 159 -0.10 -0.32 14.37
CA GLY A 159 0.87 0.31 13.47
C GLY A 159 0.56 1.76 13.24
N ALA A 160 -0.74 2.09 13.18
CA ALA A 160 -1.11 3.49 12.95
C ALA A 160 -0.81 4.34 14.19
N THR A 161 -1.03 3.77 15.38
CA THR A 161 -0.68 4.49 16.60
C THR A 161 0.81 4.85 16.60
N MET A 162 1.65 3.84 16.43
CA MET A 162 3.09 4.06 16.32
C MET A 162 3.44 5.13 15.28
N MET A 163 2.87 5.06 14.06
CA MET A 163 3.12 6.09 13.05
C MET A 163 2.81 7.50 13.57
N VAL A 164 1.60 7.70 14.10
CA VAL A 164 1.21 9.04 14.56
C VAL A 164 2.13 9.52 15.69
N LYS A 165 2.53 8.60 16.58
CA LYS A 165 3.45 8.91 17.67
C LYS A 165 4.79 9.39 17.13
N ASN A 166 5.31 8.65 16.15
CA ASN A 166 6.56 9.02 15.49
C ASN A 166 6.46 10.39 14.83
N VAL A 167 5.35 10.65 14.13
CA VAL A 167 5.22 11.93 13.43
C VAL A 167 5.20 13.07 14.44
N ALA A 168 4.40 12.91 15.50
CA ALA A 168 4.29 13.93 16.53
C ALA A 168 5.69 14.28 17.03
N ALA A 169 6.52 13.24 17.21
CA ALA A 169 7.89 13.44 17.68
C ALA A 169 8.75 14.20 16.68
N GLU A 170 8.72 13.81 15.39
CA GLU A 170 9.55 14.48 14.37
C GLU A 170 9.27 15.98 14.33
N VAL A 171 8.00 16.35 14.26
CA VAL A 171 7.69 17.74 13.94
C VAL A 171 7.43 18.58 15.17
N ALA A 172 7.54 18.00 16.37
CA ALA A 172 7.44 18.82 17.58
C ALA A 172 8.38 20.02 17.54
N ARG A 173 9.63 19.81 17.14
CA ARG A 173 10.55 20.95 17.07
C ARG A 173 10.10 22.04 16.10
N ASN A 174 9.37 21.69 15.04
CA ASN A 174 9.12 22.71 14.04
C ASN A 174 7.90 23.52 14.38
N GLY A 175 7.37 23.33 15.60
CA GLY A 175 6.23 24.05 16.11
C GLY A 175 4.89 23.44 15.78
N VAL A 176 4.89 22.20 15.28
CA VAL A 176 3.66 21.51 14.87
C VAL A 176 3.32 20.44 15.91
N GLN A 177 2.15 20.56 16.53
CA GLN A 177 1.70 19.54 17.48
C GLN A 177 0.65 18.64 16.82
N VAL A 178 0.69 17.35 17.13
CA VAL A 178 -0.10 16.31 16.49
C VAL A 178 -0.68 15.42 17.58
N ASN A 179 -2.01 15.23 17.58
CA ASN A 179 -2.67 14.46 18.62
C ASN A 179 -3.71 13.50 18.06
N ALA A 180 -4.04 12.50 18.87
CA ALA A 180 -4.94 11.42 18.51
C ALA A 180 -6.07 11.39 19.53
N VAL A 181 -7.31 11.30 19.04
CA VAL A 181 -8.47 11.09 19.89
C VAL A 181 -9.07 9.75 19.48
N GLY A 182 -9.47 8.96 20.48
CA GLY A 182 -10.13 7.68 20.24
C GLY A 182 -11.62 7.83 20.15
N THR A 183 -12.27 6.91 19.44
CA THR A 183 -13.73 7.04 19.20
C THR A 183 -14.48 5.86 19.80
N ASN A 184 -13.84 5.09 20.66
CA ASN A 184 -14.47 3.88 21.24
C ASN A 184 -15.69 4.31 22.04
N PHE A 185 -15.56 5.38 22.81
CA PHE A 185 -16.66 5.81 23.70
C PHE A 185 -17.38 6.98 23.05
N MET A 186 -17.11 7.20 21.77
CA MET A 186 -17.80 8.24 20.99
C MET A 186 -18.36 7.49 19.78
N ASP A 187 -19.38 6.66 19.99
CA ASP A 187 -19.88 5.78 18.90
C ASP A 187 -20.96 6.48 18.07
N PHE A 188 -20.62 7.62 17.52
CA PHE A 188 -21.57 8.24 16.58
C PHE A 188 -21.53 7.34 15.36
N PRO A 189 -22.62 7.23 14.58
CA PRO A 189 -22.68 6.26 13.50
C PRO A 189 -21.67 6.39 12.37
N GLU A 190 -21.28 7.59 12.00
CA GLU A 190 -20.40 7.78 10.81
C GLU A 190 -19.06 7.10 11.03
N PHE A 191 -18.70 6.87 12.28
CA PHE A 191 -17.34 6.36 12.55
C PHE A 191 -17.23 4.91 12.07
N LEU A 192 -18.32 4.16 12.18
CA LEU A 192 -18.24 2.73 11.82
C LEU A 192 -19.00 2.44 10.54
N ARG A 193 -19.42 3.47 9.82
CA ARG A 193 -20.24 3.28 8.61
C ARG A 193 -19.47 2.50 7.56
N ALA A 194 -18.21 2.87 7.35
CA ALA A 194 -17.42 2.21 6.29
C ALA A 194 -17.18 0.77 6.67
N SER A 195 -17.32 0.46 7.96
CA SER A 195 -17.08 -0.91 8.37
C SER A 195 -18.35 -1.74 8.37
N GLY A 196 -19.31 -1.38 7.52
CA GLY A 196 -20.47 -2.24 7.30
C GLY A 196 -21.42 -2.33 8.46
N ALA A 197 -21.39 -1.34 9.36
CA ALA A 197 -22.17 -1.39 10.60
C ALA A 197 -23.69 -1.21 10.40
N ASN A 198 -24.18 -0.98 9.18
CA ASN A 198 -25.63 -1.06 8.95
C ASN A 198 -26.22 -2.39 9.41
N ASP A 199 -25.71 -3.55 8.93
CA ASP A 199 -26.56 -4.72 9.21
C ASP A 199 -26.16 -5.22 10.61
N PRO A 200 -27.08 -5.34 11.57
CA PRO A 200 -26.63 -5.42 12.97
C PRO A 200 -25.98 -6.73 13.37
N GLU A 201 -25.86 -7.68 12.44
CA GLU A 201 -25.03 -8.86 12.64
C GLU A 201 -23.55 -8.48 12.59
N ILE A 202 -23.13 -7.77 11.53
CA ILE A 202 -21.83 -7.08 11.52
C ILE A 202 -21.62 -6.24 12.76
N ARG A 203 -22.61 -5.45 13.18
CA ARG A 203 -22.36 -4.54 14.30
C ARG A 203 -22.16 -5.33 15.59
N ALA A 204 -22.95 -6.39 15.79
CA ALA A 204 -22.76 -7.30 16.92
C ALA A 204 -21.35 -7.86 16.92
N ARG A 205 -20.84 -8.21 15.73
CA ARG A 205 -19.50 -8.77 15.67
C ARG A 205 -18.44 -7.72 16.01
N ILE A 206 -18.64 -6.47 15.55
CA ILE A 206 -17.79 -5.34 15.94
C ILE A 206 -17.79 -5.16 17.47
N GLU A 207 -19.00 -5.13 18.07
CA GLU A 207 -19.14 -4.87 19.49
C GLU A 207 -18.51 -5.97 20.30
N ALA A 208 -18.54 -7.19 19.78
CA ALA A 208 -17.92 -8.30 20.49
C ALA A 208 -16.42 -8.07 20.70
N ALA A 209 -15.74 -7.40 19.76
CA ALA A 209 -14.28 -7.31 19.79
C ALA A 209 -13.75 -5.93 20.14
N VAL A 210 -14.59 -4.89 20.07
CA VAL A 210 -14.18 -3.55 20.44
C VAL A 210 -15.23 -3.01 21.44
N PRO A 211 -14.84 -2.52 22.60
CA PRO A 211 -15.79 -1.85 23.50
C PRO A 211 -16.32 -0.56 22.86
N LEU A 212 -17.65 -0.43 22.79
CA LEU A 212 -18.24 0.80 22.31
C LEU A 212 -19.09 1.41 23.43
N GLY A 213 -19.36 2.70 23.23
CA GLY A 213 -20.23 3.48 24.11
C GLY A 213 -20.39 4.86 23.50
N ARG A 214 -21.43 5.61 23.87
CA ARG A 214 -21.60 7.01 23.41
C ARG A 214 -21.79 7.85 24.66
N LEU A 215 -20.83 8.71 25.00
CA LEU A 215 -20.93 9.43 26.28
C LEU A 215 -21.62 10.79 26.13
N GLY A 216 -21.79 11.28 24.91
CA GLY A 216 -22.37 12.62 24.74
C GLY A 216 -22.84 12.92 23.33
N THR A 217 -23.25 14.16 23.07
CA THR A 217 -23.78 14.50 21.75
C THR A 217 -22.59 14.80 20.85
N VAL A 218 -22.85 15.04 19.55
CA VAL A 218 -21.75 15.48 18.70
C VAL A 218 -21.34 16.93 19.01
N GLU A 219 -22.27 17.77 19.47
CA GLU A 219 -21.92 19.13 19.86
C GLU A 219 -20.95 19.13 21.04
N GLU A 220 -21.20 18.24 21.99
CA GLU A 220 -20.31 18.09 23.13
C GLU A 220 -18.95 17.59 22.62
N PHE A 221 -18.96 16.68 21.65
CA PHE A 221 -17.70 16.15 21.16
C PHE A 221 -16.88 17.22 20.46
N ALA A 222 -17.55 18.14 19.75
CA ALA A 222 -16.83 19.27 19.20
C ALA A 222 -16.15 20.08 20.30
N SER A 223 -16.92 20.51 21.31
CA SER A 223 -16.37 21.25 22.44
C SER A 223 -15.15 20.51 22.93
N PHE A 224 -15.28 19.19 23.05
CA PHE A 224 -14.23 18.37 23.63
C PHE A 224 -12.99 18.36 22.77
N CYS A 225 -13.15 18.55 21.48
CA CYS A 225 -12.00 18.49 20.58
C CYS A 225 -11.24 19.80 20.50
N MET A 226 -11.91 20.91 20.82
CA MET A 226 -11.33 22.23 20.58
C MET A 226 -9.93 22.41 21.20
N PRO A 227 -9.64 21.93 22.42
CA PRO A 227 -8.29 22.09 22.98
C PRO A 227 -7.16 21.67 22.06
N PHE A 228 -7.40 20.76 21.13
CA PHE A 228 -6.34 20.26 20.26
C PHE A 228 -6.26 20.98 18.91
N ILE A 229 -7.19 21.89 18.60
CA ILE A 229 -7.16 22.53 17.29
C ILE A 229 -7.56 23.99 17.33
N ASP A 230 -8.01 24.52 18.47
CA ASP A 230 -8.54 25.88 18.43
C ASP A 230 -7.48 26.94 18.72
N GLY A 231 -6.23 26.55 18.94
CA GLY A 231 -5.16 27.51 19.04
C GLY A 231 -4.92 28.12 20.39
N THR A 232 -5.77 27.83 21.37
CA THR A 232 -5.67 28.35 22.73
C THR A 232 -4.70 27.57 23.62
N SER A 233 -4.31 26.35 23.19
CA SER A 233 -3.42 25.47 23.94
C SER A 233 -2.34 24.92 23.02
N LYS A 234 -1.10 25.38 23.16
CA LYS A 234 -0.13 25.09 22.10
C LYS A 234 1.15 24.41 22.60
N PHE A 235 1.03 23.66 23.69
CA PHE A 235 2.20 23.04 24.29
C PHE A 235 2.11 21.53 24.41
N THR A 236 0.93 20.94 24.19
CA THR A 236 0.77 19.49 24.14
C THR A 236 1.00 18.94 22.75
N THR A 237 1.69 17.79 22.68
CA THR A 237 1.93 17.10 21.42
C THR A 237 2.12 15.63 21.75
N GLY A 238 1.85 14.78 20.75
CA GLY A 238 2.00 13.34 20.92
C GLY A 238 1.14 12.74 21.99
N GLN A 239 -0.06 13.29 22.22
CA GLN A 239 -0.99 12.70 23.17
C GLN A 239 -1.97 11.77 22.44
N PHE A 240 -2.24 10.63 23.06
CA PHE A 240 -3.24 9.67 22.58
C PHE A 240 -4.36 9.55 23.61
N ILE A 241 -5.44 10.30 23.43
CA ILE A 241 -6.47 10.36 24.47
C ILE A 241 -7.66 9.52 24.04
N ALA A 242 -8.49 9.19 25.03
CA ALA A 242 -9.74 8.44 24.85
C ALA A 242 -9.48 7.12 24.13
N TYR A 243 -8.36 6.49 24.49
CA TYR A 243 -8.02 5.13 24.11
C TYR A 243 -7.62 5.01 22.65
N ALA A 244 -7.20 6.14 22.04
CA ALA A 244 -6.68 6.11 20.68
C ALA A 244 -5.53 5.11 20.55
N GLY A 245 -4.74 4.95 21.62
CA GLY A 245 -3.52 4.15 21.60
C GLY A 245 -3.53 2.85 22.39
N GLY A 246 -4.56 2.59 23.18
CA GLY A 246 -4.64 1.34 23.94
C GLY A 246 -5.27 1.57 25.30
N TRP A 247 -4.97 0.68 26.25
CA TRP A 247 -5.61 0.73 27.57
C TRP A 247 -4.52 0.89 28.65
N LYS B 6 13.26 -36.96 14.80
CA LYS B 6 11.80 -37.23 14.88
C LYS B 6 11.03 -35.93 14.65
N ARG B 7 11.25 -34.93 15.49
CA ARG B 7 10.53 -33.63 15.36
C ARG B 7 10.92 -32.97 14.04
N VAL B 8 10.00 -32.26 13.39
CA VAL B 8 10.29 -31.59 12.13
C VAL B 8 10.32 -30.06 12.32
N ALA B 9 11.42 -29.42 11.87
CA ALA B 9 11.60 -27.98 11.92
C ALA B 9 11.70 -27.39 10.52
N LEU B 10 10.89 -26.35 10.26
CA LEU B 10 10.83 -25.65 8.97
C LEU B 10 11.45 -24.26 9.12
N VAL B 11 12.49 -23.96 8.31
CA VAL B 11 13.16 -22.64 8.33
C VAL B 11 13.10 -22.02 6.95
N GLY B 12 12.34 -20.93 6.82
CA GLY B 12 12.03 -20.29 5.54
C GLY B 12 13.23 -19.82 4.75
N ASP B 13 14.30 -19.39 5.44
CA ASP B 13 15.42 -18.85 4.69
C ASP B 13 16.69 -19.42 5.35
N ALA B 14 17.40 -20.29 4.65
CA ALA B 14 18.73 -20.72 5.14
C ALA B 14 19.72 -20.30 4.07
N SER B 15 19.31 -19.43 3.16
CA SER B 15 20.31 -18.85 2.24
C SER B 15 20.97 -17.79 3.11
N PHE B 16 22.11 -17.29 2.69
CA PHE B 16 22.83 -16.24 3.46
C PHE B 16 23.27 -16.78 4.82
N TYR B 17 23.08 -16.05 5.92
CA TYR B 17 23.72 -16.53 7.18
C TYR B 17 22.84 -16.76 8.41
N VAL B 18 21.79 -15.99 8.63
CA VAL B 18 21.06 -16.18 9.93
C VAL B 18 20.43 -17.57 10.01
N GLY B 19 19.77 -18.01 8.94
CA GLY B 19 19.06 -19.30 8.96
C GLY B 19 19.94 -20.51 9.14
N PRO B 20 21.12 -20.60 8.49
CA PRO B 20 21.90 -21.81 8.59
C PRO B 20 22.20 -22.16 10.05
N SER B 21 22.52 -21.16 10.86
CA SER B 21 22.91 -21.47 12.25
C SER B 21 21.72 -22.06 13.00
N LEU B 22 20.51 -21.58 12.71
CA LEU B 22 19.31 -22.19 13.33
C LEU B 22 19.28 -23.67 12.96
N ALA B 23 19.55 -23.97 11.70
CA ALA B 23 19.44 -25.36 11.25
C ALA B 23 20.44 -26.20 12.04
N ARG B 24 21.62 -25.66 12.29
CA ARG B 24 22.67 -26.43 13.00
C ARG B 24 22.23 -26.74 14.43
N GLU B 25 21.73 -25.74 15.13
CA GLU B 25 21.36 -25.96 16.55
C GLU B 25 20.19 -26.94 16.59
N LEU B 26 19.26 -26.80 15.65
CA LEU B 26 18.08 -27.70 15.59
C LEU B 26 18.54 -29.13 15.28
N ALA B 27 19.50 -29.28 14.38
CA ALA B 27 20.02 -30.61 13.99
C ALA B 27 20.68 -31.26 15.19
N ARG B 28 21.40 -30.47 15.98
CA ARG B 28 22.04 -31.00 17.22
C ARG B 28 20.94 -31.52 18.13
N ARG B 29 19.77 -30.89 18.10
CA ARG B 29 18.68 -31.26 19.04
C ARG B 29 17.83 -32.37 18.41
N GLU B 30 18.31 -32.99 17.33
CA GLU B 30 17.63 -34.16 16.72
C GLU B 30 16.32 -33.73 16.09
N HIS B 31 16.40 -32.74 15.22
CA HIS B 31 15.19 -32.31 14.47
C HIS B 31 15.41 -32.48 12.97
N ASN B 32 14.56 -33.23 12.29
CA ASN B 32 14.64 -33.25 10.85
C ASN B 32 14.29 -31.86 10.33
N LEU B 33 14.66 -31.58 9.06
CA LEU B 33 14.64 -30.20 8.59
C LEU B 33 13.94 -30.05 7.24
N VAL B 34 13.12 -29.00 7.13
CA VAL B 34 12.63 -28.45 5.87
C VAL B 34 13.24 -27.06 5.71
N LEU B 35 14.18 -26.89 4.75
CA LEU B 35 14.90 -25.63 4.61
C LEU B 35 14.47 -24.94 3.32
N GLY B 36 14.26 -23.62 3.40
CA GLY B 36 14.03 -22.80 2.21
C GLY B 36 15.33 -22.28 1.62
N ASP B 37 15.52 -22.58 0.31
CA ASP B 37 16.66 -22.16 -0.54
C ASP B 37 17.97 -22.22 0.25
N PRO B 38 18.39 -23.42 0.68
CA PRO B 38 19.64 -23.52 1.45
C PRO B 38 20.82 -23.20 0.58
N ALA B 39 21.86 -22.65 1.21
CA ALA B 39 23.13 -22.44 0.48
C ALA B 39 23.77 -23.80 0.32
N GLU B 40 24.52 -24.01 -0.77
CA GLU B 40 25.07 -25.37 -1.02
C GLU B 40 26.07 -25.71 0.07
N GLY B 41 26.21 -27.00 0.38
CA GLY B 41 27.10 -27.40 1.48
C GLY B 41 26.40 -27.37 2.82
N LEU B 42 25.09 -27.09 2.82
CA LEU B 42 24.33 -27.17 4.08
C LEU B 42 23.53 -28.46 4.01
N VAL B 43 22.76 -28.63 2.94
CA VAL B 43 22.05 -29.89 2.77
C VAL B 43 23.02 -31.04 2.98
N ASP B 44 24.17 -30.96 2.31
CA ASP B 44 25.17 -32.00 2.38
C ASP B 44 25.73 -32.11 3.81
N GLU B 45 26.12 -30.98 4.39
CA GLU B 45 26.70 -31.02 5.75
C GLU B 45 25.72 -31.72 6.68
N LEU B 46 24.48 -31.27 6.70
CA LEU B 46 23.49 -31.82 7.65
C LEU B 46 23.18 -33.29 7.37
N THR B 47 23.04 -33.69 6.11
CA THR B 47 22.62 -35.08 5.84
C THR B 47 23.68 -35.97 6.45
N ALA B 48 24.94 -35.53 6.39
CA ALA B 48 26.07 -36.29 6.98
C ALA B 48 25.89 -36.38 8.50
N LEU B 49 25.37 -35.34 9.13
CA LEU B 49 25.25 -35.30 10.61
C LEU B 49 24.13 -36.25 11.07
N GLY B 50 23.37 -36.83 10.14
CA GLY B 50 22.34 -37.83 10.53
C GLY B 50 20.92 -37.30 10.49
N VAL B 51 20.71 -36.11 9.93
CA VAL B 51 19.35 -35.50 9.90
C VAL B 51 18.84 -35.46 8.46
N GLU B 52 17.59 -35.89 8.26
CA GLU B 52 16.98 -35.84 6.91
C GLU B 52 16.67 -34.40 6.55
N VAL B 53 16.74 -34.05 5.26
CA VAL B 53 16.57 -32.63 4.85
C VAL B 53 15.74 -32.52 3.57
N GLU B 54 14.74 -31.65 3.54
CA GLU B 54 13.97 -31.33 2.33
C GLU B 54 14.28 -29.91 1.86
N ALA B 55 14.82 -29.79 0.63
CA ALA B 55 15.09 -28.48 0.02
C ALA B 55 13.86 -27.96 -0.71
N VAL B 56 13.38 -26.78 -0.30
CA VAL B 56 12.27 -26.13 -1.00
C VAL B 56 12.85 -24.92 -1.72
N LEU B 57 12.68 -24.85 -3.04
CA LEU B 57 13.41 -23.86 -3.82
C LEU B 57 12.51 -22.68 -4.18
N GLY B 58 13.09 -21.48 -4.16
CA GLY B 58 12.44 -20.28 -4.66
C GLY B 58 11.25 -19.81 -3.85
N VAL B 59 11.50 -19.69 -2.55
CA VAL B 59 10.40 -19.36 -1.59
C VAL B 59 10.85 -18.26 -0.63
N ARG B 60 11.88 -17.50 -0.99
CA ARG B 60 12.43 -16.46 -0.08
C ARG B 60 11.42 -15.34 0.18
N ASN B 61 10.61 -14.97 -0.82
CA ASN B 61 9.67 -13.83 -0.64
C ASN B 61 8.37 -14.37 -0.07
N LEU B 62 8.17 -14.24 1.23
CA LEU B 62 6.97 -14.82 1.89
C LEU B 62 5.75 -13.97 1.54
N ALA B 63 5.96 -12.78 1.01
CA ALA B 63 4.83 -11.95 0.55
C ALA B 63 4.13 -12.72 -0.56
N ASP B 64 4.90 -13.44 -1.37
CA ASP B 64 4.28 -14.29 -2.41
C ASP B 64 3.35 -15.26 -1.71
N PRO B 65 2.00 -15.14 -1.82
CA PRO B 65 1.12 -16.14 -1.18
C PRO B 65 1.60 -17.55 -1.44
N GLU B 66 2.12 -17.79 -2.65
CA GLU B 66 2.57 -19.12 -3.04
C GLU B 66 3.75 -19.63 -2.19
N SER B 67 4.70 -18.76 -1.81
CA SER B 67 5.94 -19.23 -1.21
C SER B 67 5.71 -20.09 0.03
N ALA B 68 5.08 -19.50 1.06
CA ALA B 68 4.82 -20.23 2.32
C ALA B 68 4.01 -21.49 2.06
N GLN B 69 3.02 -21.38 1.18
CA GLN B 69 2.22 -22.53 0.77
C GLN B 69 3.14 -23.64 0.26
N LYS B 70 4.11 -23.27 -0.58
CA LYS B 70 5.06 -24.25 -1.12
C LYS B 70 5.89 -24.89 0.00
N LEU B 71 6.46 -24.07 0.89
CA LEU B 71 7.21 -24.64 2.00
C LEU B 71 6.36 -25.63 2.80
N VAL B 72 5.11 -25.28 3.10
CA VAL B 72 4.32 -26.18 3.91
C VAL B 72 4.03 -27.45 3.13
N ALA B 73 3.51 -27.33 1.92
CA ALA B 73 3.23 -28.50 1.08
C ALA B 73 4.41 -29.45 1.13
N ALA B 74 5.61 -28.93 0.97
CA ALA B 74 6.81 -29.77 0.92
C ALA B 74 7.01 -30.50 2.24
N ALA B 75 6.86 -29.78 3.34
CA ALA B 75 7.11 -30.41 4.64
C ALA B 75 6.10 -31.52 4.83
N GLN B 76 4.85 -31.26 4.45
CA GLN B 76 3.80 -32.28 4.66
C GLN B 76 4.12 -33.53 3.83
N GLU B 77 4.53 -33.36 2.57
CA GLU B 77 4.73 -34.57 1.74
C GLU B 77 5.91 -35.38 2.26
N ARG B 78 7.04 -34.73 2.54
CA ARG B 78 8.23 -35.51 2.94
C ARG B 78 8.12 -36.06 4.36
N PHE B 79 7.70 -35.26 5.32
CA PHE B 79 7.75 -35.71 6.73
C PHE B 79 6.37 -35.93 7.35
N GLY B 80 5.37 -35.20 6.89
CA GLY B 80 4.00 -35.39 7.39
C GLY B 80 3.73 -34.65 8.67
N ARG B 81 4.72 -33.93 9.17
CA ARG B 81 4.57 -33.21 10.46
C ARG B 81 5.34 -31.89 10.40
N ILE B 82 4.89 -30.86 11.12
CA ILE B 82 5.65 -29.57 11.22
C ILE B 82 5.56 -29.18 12.68
N ASP B 83 6.62 -29.42 13.45
CA ASP B 83 6.59 -29.13 14.87
C ASP B 83 7.09 -27.73 15.17
N SER B 84 8.08 -27.26 14.41
CA SER B 84 8.63 -25.92 14.60
C SER B 84 8.65 -25.24 13.26
N ALA B 85 8.43 -23.93 13.26
CA ALA B 85 8.57 -23.14 12.05
C ALA B 85 9.14 -21.79 12.42
N ALA B 86 10.21 -21.37 11.72
CA ALA B 86 10.82 -20.06 11.90
C ALA B 86 10.91 -19.33 10.57
N ALA B 87 10.69 -18.02 10.60
CA ALA B 87 10.78 -17.25 9.37
C ALA B 87 11.26 -15.85 9.70
N PHE B 88 12.20 -15.34 8.90
CA PHE B 88 12.68 -13.97 9.04
C PHE B 88 11.82 -13.09 8.14
N SER B 89 11.31 -12.01 8.72
CA SER B 89 10.44 -11.10 7.95
C SER B 89 11.09 -9.73 7.94
N GLY B 90 11.52 -9.28 6.77
CA GLY B 90 12.06 -7.91 6.77
C GLY B 90 12.09 -7.19 5.45
N ARG B 91 12.00 -5.87 5.50
CA ARG B 91 12.20 -5.00 4.32
C ARG B 91 12.85 -3.78 4.94
N VAL B 92 13.96 -3.31 4.39
CA VAL B 92 14.66 -2.20 5.06
C VAL B 92 14.23 -0.90 4.42
N VAL B 93 13.58 -0.05 5.21
CA VAL B 93 13.14 1.28 4.70
C VAL B 93 13.38 2.29 5.81
N THR B 94 14.28 3.22 5.58
CA THR B 94 14.48 4.27 6.57
C THR B 94 14.21 5.64 5.94
N GLY B 95 14.18 6.68 6.78
CA GLY B 95 13.93 8.04 6.37
C GLY B 95 12.90 8.61 7.33
N LYS B 96 13.02 9.91 7.60
CA LYS B 96 11.96 10.62 8.31
C LYS B 96 10.65 10.46 7.56
N PHE B 97 9.56 10.55 8.31
CA PHE B 97 8.20 10.38 7.77
C PHE B 97 7.96 11.25 6.55
N LEU B 98 8.17 12.57 6.71
CA LEU B 98 7.84 13.54 5.67
C LEU B 98 8.62 13.33 4.39
N ASP B 99 9.66 12.50 4.45
CA ASP B 99 10.52 12.21 3.31
C ASP B 99 10.23 10.88 2.63
N SER B 100 9.35 10.11 3.26
CA SER B 100 8.99 8.77 2.74
C SER B 100 8.03 8.87 1.57
N THR B 101 7.71 7.72 0.99
CA THR B 101 6.81 7.66 -0.17
C THR B 101 5.74 6.62 0.11
N LEU B 102 4.66 6.61 -0.66
CA LEU B 102 3.63 5.58 -0.51
C LEU B 102 4.28 4.24 -0.80
N GLU B 103 5.19 4.22 -1.75
CA GLU B 103 5.86 2.96 -2.13
C GLU B 103 6.60 2.43 -0.90
N ASP B 104 7.19 3.32 -0.12
CA ASP B 104 7.93 2.90 1.09
C ASP B 104 6.95 2.25 2.07
N LEU B 105 5.76 2.85 2.24
CA LEU B 105 4.74 2.28 3.15
C LEU B 105 4.32 0.92 2.60
N HIS B 106 4.14 0.85 1.29
CA HIS B 106 3.67 -0.41 0.68
C HIS B 106 4.74 -1.47 0.91
N SER B 107 6.00 -1.08 0.84
CA SER B 107 7.09 -2.02 1.05
C SER B 107 7.16 -2.50 2.50
N VAL B 108 6.90 -1.62 3.45
CA VAL B 108 7.05 -2.07 4.85
C VAL B 108 5.86 -2.97 5.17
N VAL B 109 4.68 -2.62 4.69
CA VAL B 109 3.47 -3.43 4.97
C VAL B 109 3.71 -4.80 4.36
N GLN B 110 4.24 -4.84 3.14
CA GLN B 110 4.39 -6.15 2.48
C GLN B 110 5.36 -7.00 3.29
N GLY B 111 6.49 -6.44 3.68
CA GLY B 111 7.51 -7.21 4.40
C GLY B 111 7.20 -7.53 5.84
N CYS B 112 6.68 -6.57 6.58
CA CYS B 112 6.47 -6.79 8.03
C CYS B 112 5.02 -7.11 8.36
N LEU B 113 4.12 -7.09 7.38
CA LEU B 113 2.72 -7.48 7.66
C LEU B 113 2.28 -8.60 6.71
N GLU B 114 2.51 -8.49 5.41
CA GLU B 114 2.01 -9.52 4.52
C GLU B 114 2.84 -10.80 4.63
N ALA B 115 4.18 -10.68 4.69
CA ALA B 115 5.04 -11.87 4.77
C ALA B 115 4.75 -12.69 6.02
N PRO B 116 4.65 -12.12 7.23
CA PRO B 116 4.22 -12.95 8.37
C PRO B 116 2.79 -13.47 8.20
N TYR B 117 1.86 -12.62 7.77
CA TYR B 117 0.47 -13.07 7.59
C TYR B 117 0.42 -14.36 6.78
N HIS B 118 0.99 -14.34 5.57
CA HIS B 118 0.98 -15.52 4.71
C HIS B 118 1.69 -16.70 5.39
N PHE B 119 2.78 -16.44 6.09
CA PHE B 119 3.47 -17.54 6.82
C PHE B 119 2.52 -18.18 7.81
N LEU B 120 1.94 -17.38 8.71
CA LEU B 120 1.09 -17.95 9.77
C LEU B 120 -0.13 -18.62 9.16
N LYS B 121 -0.69 -18.04 8.11
CA LYS B 121 -1.95 -18.55 7.53
C LYS B 121 -1.71 -19.90 6.87
N ALA B 122 -0.46 -20.25 6.65
CA ALA B 122 -0.12 -21.52 5.99
C ALA B 122 0.37 -22.54 7.02
N VAL B 123 1.22 -22.12 7.96
CA VAL B 123 1.76 -23.11 8.89
C VAL B 123 0.74 -23.49 9.96
N VAL B 124 0.06 -22.49 10.52
CA VAL B 124 -0.76 -22.69 11.71
C VAL B 124 -1.86 -23.74 11.45
N PRO B 125 -2.56 -23.74 10.29
CA PRO B 125 -3.58 -24.81 10.05
C PRO B 125 -3.06 -26.22 10.24
N VAL B 126 -1.83 -26.48 9.79
CA VAL B 126 -1.24 -27.79 9.96
C VAL B 126 -1.09 -28.12 11.44
N MET B 127 -0.52 -27.18 12.20
CA MET B 127 -0.32 -27.45 13.62
C MET B 127 -1.66 -27.54 14.38
N VAL B 128 -2.70 -26.79 13.94
CA VAL B 128 -4.02 -26.89 14.56
C VAL B 128 -4.55 -28.29 14.39
N GLU B 129 -4.45 -28.83 13.19
CA GLU B 129 -4.85 -30.21 13.01
C GLU B 129 -4.02 -31.14 13.89
N GLN B 130 -2.75 -30.80 14.17
CA GLN B 130 -1.91 -31.66 15.00
C GLN B 130 -2.09 -31.49 16.51
N GLY B 131 -2.77 -30.43 16.96
CA GLY B 131 -2.85 -30.14 18.37
C GLY B 131 -1.54 -29.73 19.04
N ASP B 132 -0.51 -29.42 18.25
CA ASP B 132 0.77 -28.98 18.77
C ASP B 132 1.50 -28.21 17.68
N GLY B 133 2.36 -27.28 18.09
CA GLY B 133 3.18 -26.55 17.16
C GLY B 133 3.86 -25.36 17.80
N GLN B 134 5.05 -25.03 17.34
CA GLN B 134 5.76 -23.85 17.80
C GLN B 134 6.10 -23.00 16.59
N VAL B 135 5.67 -21.74 16.59
CA VAL B 135 5.99 -20.77 15.55
C VAL B 135 6.88 -19.68 16.14
N LEU B 136 7.83 -19.20 15.31
CA LEU B 136 8.74 -18.11 15.62
C LEU B 136 8.83 -17.19 14.42
N VAL B 137 8.36 -15.95 14.59
CA VAL B 137 8.49 -14.87 13.62
C VAL B 137 9.68 -14.01 14.05
N MET B 138 10.72 -13.95 13.23
CA MET B 138 11.88 -13.09 13.49
C MET B 138 11.75 -11.79 12.70
N THR B 139 11.66 -10.67 13.41
CA THR B 139 11.51 -9.38 12.73
C THR B 139 12.89 -8.75 12.66
N SER B 140 13.08 -7.86 11.69
CA SER B 140 14.33 -7.11 11.61
C SER B 140 14.25 -5.85 12.47
N GLY B 149 13.77 8.69 12.56
CA GLY B 149 14.71 7.59 12.27
C GLY B 149 14.15 6.61 11.25
N ALA B 150 13.08 5.89 11.61
CA ALA B 150 12.44 4.93 10.69
C ALA B 150 10.96 4.87 11.01
N SER B 151 10.24 5.98 10.84
CA SER B 151 8.84 6.01 11.26
C SER B 151 8.05 4.83 10.72
N LEU B 152 8.10 4.64 9.39
CA LEU B 152 7.21 3.65 8.78
C LEU B 152 7.59 2.24 9.22
N TYR B 153 8.88 1.93 9.23
CA TYR B 153 9.34 0.63 9.70
C TYR B 153 8.92 0.35 11.14
N SER B 154 9.21 1.28 12.03
CA SER B 154 8.80 1.09 13.44
C SER B 154 7.31 0.78 13.47
N SER B 155 6.54 1.42 12.60
CA SER B 155 5.08 1.24 12.60
C SER B 155 4.69 -0.20 12.24
N ALA B 156 5.30 -0.76 11.21
CA ALA B 156 4.95 -2.12 10.76
C ALA B 156 5.33 -3.15 11.81
N ARG B 157 6.44 -2.94 12.49
CA ARG B 157 6.91 -3.90 13.52
C ARG B 157 5.85 -3.95 14.61
N ALA B 158 5.30 -2.80 14.94
CA ALA B 158 4.29 -2.73 16.00
C ALA B 158 3.10 -3.56 15.59
N GLY B 159 2.70 -3.45 14.33
CA GLY B 159 1.57 -4.25 13.83
C GLY B 159 1.93 -5.71 13.86
N ALA B 160 3.16 -6.03 13.48
CA ALA B 160 3.57 -7.44 13.44
C ALA B 160 3.62 -7.93 14.88
N THR B 161 4.08 -7.08 15.78
CA THR B 161 4.00 -7.47 17.19
C THR B 161 2.55 -7.77 17.60
N MET B 162 1.62 -6.77 17.43
CA MET B 162 0.20 -7.11 17.65
C MET B 162 -0.24 -8.39 16.99
N MET B 163 0.06 -8.52 15.68
CA MET B 163 -0.40 -9.71 14.97
C MET B 163 -0.01 -10.94 15.77
N VAL B 164 1.27 -11.02 16.16
CA VAL B 164 1.71 -12.23 16.83
C VAL B 164 0.98 -12.43 18.17
N LYS B 165 0.77 -11.35 18.94
CA LYS B 165 0.08 -11.53 20.24
C LYS B 165 -1.39 -11.97 20.04
N ASN B 166 -2.12 -11.32 19.14
CA ASN B 166 -3.51 -11.68 18.87
C ASN B 166 -3.65 -13.12 18.34
N VAL B 167 -2.83 -13.50 17.35
CA VAL B 167 -2.95 -14.85 16.81
C VAL B 167 -2.66 -15.87 17.89
N ALA B 168 -1.64 -15.60 18.73
CA ALA B 168 -1.32 -16.51 19.81
C ALA B 168 -2.54 -16.72 20.70
N ALA B 169 -3.23 -15.63 21.03
CA ALA B 169 -4.41 -15.73 21.89
C ALA B 169 -5.48 -16.61 21.24
N GLU B 170 -5.67 -16.44 19.92
CA GLU B 170 -6.62 -17.27 19.16
C GLU B 170 -6.26 -18.76 19.10
N VAL B 171 -5.00 -19.11 18.87
CA VAL B 171 -4.72 -20.51 18.55
C VAL B 171 -4.11 -21.27 19.72
N ALA B 172 -3.85 -20.62 20.86
CA ALA B 172 -3.47 -21.35 22.06
C ALA B 172 -4.47 -22.46 22.39
N ARG B 173 -5.76 -22.21 22.13
CA ARG B 173 -6.76 -23.25 22.35
C ARG B 173 -6.40 -24.52 21.57
N ASN B 174 -5.64 -24.40 20.48
CA ASN B 174 -5.23 -25.56 19.70
C ASN B 174 -3.83 -26.12 20.07
N GLY B 175 -3.16 -25.58 21.07
CA GLY B 175 -1.87 -26.11 21.49
C GLY B 175 -0.68 -25.60 20.71
N VAL B 176 -0.88 -24.55 19.91
CA VAL B 176 0.13 -23.97 19.04
C VAL B 176 0.66 -22.68 19.67
N GLN B 177 1.99 -22.57 19.74
CA GLN B 177 2.67 -21.38 20.23
C GLN B 177 3.04 -20.46 19.07
N VAL B 178 2.97 -19.15 19.31
CA VAL B 178 3.41 -18.16 18.33
C VAL B 178 4.12 -17.04 19.10
N ASN B 179 5.40 -16.84 18.82
CA ASN B 179 6.20 -15.82 19.50
C ASN B 179 7.02 -15.05 18.47
N ALA B 180 7.63 -13.94 18.87
CA ALA B 180 8.43 -13.12 17.94
C ALA B 180 9.74 -12.66 18.58
N VAL B 181 10.80 -12.52 17.78
CA VAL B 181 12.14 -12.14 18.31
C VAL B 181 12.70 -11.00 17.47
N GLY B 182 13.47 -10.10 18.08
CA GLY B 182 14.10 -8.98 17.35
C GLY B 182 15.62 -9.07 17.35
N THR B 183 16.27 -8.58 16.30
CA THR B 183 17.76 -8.70 16.17
C THR B 183 18.38 -7.35 15.83
N ASN B 184 19.63 -7.12 16.25
CA ASN B 184 20.35 -5.83 16.00
C ASN B 184 21.16 -5.90 14.71
N PHE B 185 21.23 -7.07 14.07
CA PHE B 185 22.07 -7.22 12.87
C PHE B 185 21.44 -6.39 11.75
N MET B 186 22.21 -5.91 10.78
CA MET B 186 21.74 -5.01 9.67
C MET B 186 21.93 -3.57 10.14
N ASP B 187 22.11 -3.38 11.45
CA ASP B 187 22.50 -2.03 11.94
C ASP B 187 24.02 -2.06 11.90
N PHE B 188 24.60 -3.27 11.78
CA PHE B 188 26.05 -3.44 11.61
C PHE B 188 26.28 -4.54 10.57
N PRO B 189 26.16 -4.28 9.26
CA PRO B 189 26.46 -5.31 8.26
C PRO B 189 27.97 -5.34 7.98
N GLU B 190 28.63 -6.46 8.32
CA GLU B 190 30.10 -6.55 8.19
C GLU B 190 30.48 -8.04 8.15
N GLY B 216 28.34 -10.11 20.22
CA GLY B 216 27.93 -11.53 20.03
C GLY B 216 27.88 -12.00 18.60
N THR B 217 27.51 -13.28 18.37
CA THR B 217 27.53 -13.81 17.01
C THR B 217 26.12 -14.27 16.69
N VAL B 218 25.92 -14.75 15.45
CA VAL B 218 24.63 -15.35 15.12
C VAL B 218 24.45 -16.67 15.81
N GLU B 219 25.53 -17.40 16.07
CA GLU B 219 25.40 -18.73 16.66
C GLU B 219 24.80 -18.65 18.04
N GLU B 220 25.19 -17.63 18.79
CA GLU B 220 24.59 -17.37 20.08
C GLU B 220 23.13 -16.97 19.92
N PHE B 221 22.80 -16.20 18.87
CA PHE B 221 21.41 -15.80 18.65
C PHE B 221 20.52 -17.00 18.31
N ALA B 222 21.02 -17.92 17.49
CA ALA B 222 20.31 -19.17 17.23
C ALA B 222 20.09 -19.95 18.53
N SER B 223 21.17 -20.16 19.28
CA SER B 223 21.05 -20.89 20.54
C SER B 223 19.98 -20.24 21.41
N PHE B 224 19.90 -18.91 21.39
CA PHE B 224 18.89 -18.22 22.18
C PHE B 224 17.47 -18.43 21.62
N CYS B 225 17.36 -18.70 20.32
CA CYS B 225 16.04 -18.89 19.71
C CYS B 225 15.50 -20.27 20.01
N MET B 226 16.40 -21.19 20.36
CA MET B 226 15.99 -22.60 20.47
C MET B 226 14.80 -22.84 21.40
N PRO B 227 14.71 -22.21 22.60
CA PRO B 227 13.55 -22.44 23.47
C PRO B 227 12.20 -22.24 22.81
N PHE B 228 12.12 -21.44 21.77
CA PHE B 228 10.83 -21.24 21.15
C PHE B 228 10.52 -22.29 20.07
N ILE B 229 11.47 -23.15 19.73
CA ILE B 229 11.27 -24.05 18.59
C ILE B 229 11.83 -25.45 18.77
N ASP B 230 12.48 -25.74 19.90
CA ASP B 230 13.10 -27.06 20.06
C ASP B 230 12.25 -28.07 20.84
N GLY B 231 11.12 -27.66 21.40
CA GLY B 231 10.24 -28.51 22.16
C GLY B 231 10.50 -28.53 23.67
N THR B 232 11.52 -27.82 24.12
CA THR B 232 11.88 -27.82 25.56
C THR B 232 10.90 -26.98 26.38
N SER B 233 10.50 -25.80 25.90
CA SER B 233 9.50 -24.96 26.62
C SER B 233 8.28 -24.78 25.73
N LYS B 234 7.09 -25.10 26.24
CA LYS B 234 5.87 -25.07 25.41
C LYS B 234 4.78 -24.16 25.97
N PHE B 235 5.10 -23.32 26.95
CA PHE B 235 4.01 -22.54 27.60
C PHE B 235 4.20 -21.04 27.38
N THR B 236 5.27 -20.62 26.72
CA THR B 236 5.37 -19.23 26.35
C THR B 236 4.68 -18.99 25.02
N THR B 237 3.86 -17.94 24.94
CA THR B 237 3.20 -17.64 23.66
C THR B 237 2.86 -16.14 23.56
N GLY B 238 2.80 -15.67 22.32
CA GLY B 238 2.52 -14.28 22.00
C GLY B 238 3.47 -13.26 22.59
N GLN B 239 4.72 -13.62 22.83
CA GLN B 239 5.72 -12.68 23.29
C GLN B 239 6.58 -12.08 22.19
N PHE B 240 7.04 -10.86 22.43
CA PHE B 240 8.08 -10.21 21.65
C PHE B 240 9.32 -9.95 22.48
N ILE B 241 10.39 -10.66 22.17
CA ILE B 241 11.64 -10.48 22.93
C ILE B 241 12.69 -9.83 22.04
N ALA B 242 13.62 -9.08 22.64
CA ALA B 242 14.70 -8.43 21.87
C ALA B 242 16.03 -9.02 22.30
N TYR B 243 16.81 -9.55 21.35
CA TYR B 243 18.14 -10.09 21.68
C TYR B 243 19.03 -8.94 22.15
N ALA C 5 -19.40 -19.05 -27.86
CA ALA C 5 -19.16 -18.25 -26.64
C ALA C 5 -20.19 -18.64 -25.58
N LYS C 6 -20.01 -18.16 -24.35
CA LYS C 6 -21.03 -18.45 -23.30
C LYS C 6 -21.43 -17.12 -22.68
N ARG C 7 -22.63 -17.07 -22.11
CA ARG C 7 -23.09 -15.84 -21.44
C ARG C 7 -22.40 -15.69 -20.10
N VAL C 8 -22.22 -14.47 -19.62
CA VAL C 8 -21.62 -14.21 -18.30
C VAL C 8 -22.69 -13.72 -17.33
N ALA C 9 -22.81 -14.37 -16.18
CA ALA C 9 -23.75 -14.00 -15.13
C ALA C 9 -23.01 -13.61 -13.87
N LEU C 10 -23.36 -12.47 -13.29
CA LEU C 10 -22.75 -11.98 -12.06
C LEU C 10 -23.77 -12.02 -10.93
N VAL C 11 -23.44 -12.74 -9.85
CA VAL C 11 -24.33 -12.76 -8.65
C VAL C 11 -23.51 -12.23 -7.47
N GLY C 12 -23.93 -11.13 -6.86
CA GLY C 12 -23.14 -10.49 -5.79
C GLY C 12 -23.00 -11.26 -4.50
N ASP C 13 -24.09 -11.78 -3.94
CA ASP C 13 -24.00 -12.58 -2.69
C ASP C 13 -24.44 -14.01 -3.00
N ALA C 14 -23.48 -14.93 -3.11
CA ALA C 14 -23.82 -16.32 -3.47
C ALA C 14 -23.90 -17.18 -2.21
N SER C 15 -23.84 -16.56 -1.03
CA SER C 15 -23.79 -17.38 0.20
C SER C 15 -25.05 -17.30 1.04
N PHE C 16 -25.42 -16.10 1.48
CA PHE C 16 -26.51 -16.00 2.47
C PHE C 16 -27.86 -16.55 1.97
N TYR C 17 -28.34 -16.11 0.81
CA TYR C 17 -29.72 -16.53 0.42
C TYR C 17 -29.94 -16.40 -1.07
N VAL C 18 -30.81 -17.23 -1.65
CA VAL C 18 -31.19 -17.12 -3.09
C VAL C 18 -29.98 -17.23 -4.00
N GLY C 19 -28.90 -16.53 -3.69
CA GLY C 19 -27.76 -16.52 -4.60
C GLY C 19 -27.24 -17.89 -4.87
N PRO C 20 -27.05 -18.76 -3.87
CA PRO C 20 -26.65 -20.10 -4.16
C PRO C 20 -27.60 -20.65 -5.23
N SER C 21 -28.89 -20.50 -5.01
CA SER C 21 -29.90 -21.09 -5.92
C SER C 21 -29.83 -20.43 -7.29
N LEU C 22 -29.68 -19.11 -7.33
CA LEU C 22 -29.72 -18.38 -8.62
C LEU C 22 -28.56 -18.86 -9.49
N ALA C 23 -27.40 -19.04 -8.87
CA ALA C 23 -26.22 -19.46 -9.65
C ALA C 23 -26.52 -20.83 -10.25
N ARG C 24 -27.18 -21.69 -9.49
CA ARG C 24 -27.41 -23.06 -9.99
C ARG C 24 -28.25 -22.98 -11.25
N GLU C 25 -29.31 -22.18 -11.22
CA GLU C 25 -30.21 -22.06 -12.39
C GLU C 25 -29.43 -21.45 -13.55
N LEU C 26 -28.62 -20.43 -13.27
CA LEU C 26 -27.88 -19.73 -14.34
C LEU C 26 -26.89 -20.67 -15.00
N ALA C 27 -26.22 -21.51 -14.20
CA ALA C 27 -25.27 -22.51 -14.75
C ALA C 27 -26.02 -23.51 -15.63
N ARG C 28 -27.20 -23.92 -15.19
CA ARG C 28 -28.01 -24.87 -15.98
C ARG C 28 -28.28 -24.23 -17.32
N ARG C 29 -28.46 -22.91 -17.34
CA ARG C 29 -28.81 -22.20 -18.59
C ARG C 29 -27.52 -21.83 -19.31
N GLU C 30 -26.45 -22.58 -19.03
CA GLU C 30 -25.17 -22.39 -19.75
C GLU C 30 -24.62 -20.98 -19.54
N HIS C 31 -24.72 -20.48 -18.31
CA HIS C 31 -24.10 -19.17 -18.02
C HIS C 31 -22.81 -19.37 -17.26
N ASN C 32 -21.69 -18.90 -17.78
CA ASN C 32 -20.44 -18.94 -17.00
C ASN C 32 -20.71 -17.98 -15.85
N LEU C 33 -20.19 -18.25 -14.66
CA LEU C 33 -20.59 -17.41 -13.50
C LEU C 33 -19.46 -16.64 -12.83
N VAL C 34 -19.75 -15.41 -12.39
CA VAL C 34 -18.78 -14.66 -11.55
C VAL C 34 -19.56 -14.49 -10.26
N LEU C 35 -19.07 -15.04 -9.16
CA LEU C 35 -19.88 -15.04 -7.92
C LEU C 35 -19.06 -14.45 -6.79
N GLY C 36 -19.73 -13.96 -5.76
CA GLY C 36 -19.01 -13.32 -4.65
C GLY C 36 -19.25 -14.07 -3.38
N ASP C 37 -18.18 -14.33 -2.64
CA ASP C 37 -18.28 -15.03 -1.33
C ASP C 37 -19.10 -16.31 -1.50
N PRO C 38 -18.76 -17.28 -2.38
CA PRO C 38 -19.60 -18.44 -2.54
C PRO C 38 -19.32 -19.53 -1.50
N ALA C 39 -20.33 -20.34 -1.18
CA ALA C 39 -20.09 -21.48 -0.29
C ALA C 39 -19.20 -22.47 -1.05
N GLU C 40 -18.32 -23.19 -0.36
CA GLU C 40 -17.33 -24.06 -1.09
C GLU C 40 -18.02 -25.13 -1.92
N GLY C 41 -19.04 -25.79 -1.37
CA GLY C 41 -19.63 -26.90 -2.14
C GLY C 41 -20.14 -26.40 -3.47
N LEU C 42 -20.80 -25.25 -3.44
CA LEU C 42 -21.40 -24.66 -4.66
C LEU C 42 -20.32 -24.36 -5.69
N VAL C 43 -19.18 -23.77 -5.29
CA VAL C 43 -18.21 -23.48 -6.40
C VAL C 43 -17.85 -24.80 -7.06
N ASP C 44 -17.54 -25.83 -6.27
CA ASP C 44 -17.05 -27.09 -6.93
C ASP C 44 -18.16 -27.74 -7.77
N GLU C 45 -19.39 -27.73 -7.28
CA GLU C 45 -20.52 -28.39 -7.99
C GLU C 45 -20.69 -27.69 -9.33
N LEU C 46 -20.62 -26.36 -9.29
CA LEU C 46 -20.85 -25.60 -10.54
C LEU C 46 -19.70 -25.91 -11.50
N THR C 47 -18.49 -26.09 -10.98
CA THR C 47 -17.38 -26.46 -11.89
C THR C 47 -17.63 -27.88 -12.43
N ALA C 48 -18.26 -28.73 -11.61
CA ALA C 48 -18.55 -30.12 -12.02
C ALA C 48 -19.53 -30.12 -13.20
N LEU C 49 -20.51 -29.21 -13.19
CA LEU C 49 -21.52 -29.17 -14.27
C LEU C 49 -20.85 -28.73 -15.57
N GLY C 50 -19.61 -28.26 -15.50
CA GLY C 50 -18.84 -27.87 -16.71
C GLY C 50 -18.82 -26.36 -16.96
N VAL C 51 -19.33 -25.59 -16.01
CA VAL C 51 -19.39 -24.12 -16.16
C VAL C 51 -18.17 -23.50 -15.48
N GLU C 52 -17.60 -22.45 -16.09
CA GLU C 52 -16.40 -21.79 -15.56
C GLU C 52 -16.86 -20.84 -14.46
N VAL C 53 -16.07 -20.64 -13.41
CA VAL C 53 -16.54 -19.81 -12.26
C VAL C 53 -15.42 -18.91 -11.76
N GLU C 54 -15.70 -17.62 -11.53
CA GLU C 54 -14.74 -16.71 -10.92
C GLU C 54 -15.34 -16.25 -9.58
N ALA C 55 -14.79 -16.75 -8.46
CA ALA C 55 -15.20 -16.37 -7.10
C ALA C 55 -14.44 -15.14 -6.61
N VAL C 56 -15.18 -14.15 -6.13
CA VAL C 56 -14.61 -12.88 -5.68
C VAL C 56 -14.75 -12.77 -4.16
N LEU C 57 -13.65 -12.49 -3.46
CA LEU C 57 -13.66 -12.60 -2.00
C LEU C 57 -13.98 -11.26 -1.33
N GLY C 58 -14.88 -11.33 -0.35
CA GLY C 58 -15.16 -10.20 0.52
C GLY C 58 -15.86 -9.05 -0.14
N VAL C 59 -17.02 -9.32 -0.73
CA VAL C 59 -17.75 -8.30 -1.48
C VAL C 59 -19.20 -8.29 -1.03
N ARG C 60 -19.53 -9.02 0.01
CA ARG C 60 -20.94 -9.18 0.33
C ARG C 60 -21.56 -8.00 1.08
N ASN C 61 -20.77 -6.98 1.43
CA ASN C 61 -21.32 -5.66 1.82
C ASN C 61 -21.27 -4.76 0.58
N LEU C 62 -22.41 -4.63 -0.08
CA LEU C 62 -22.40 -3.98 -1.38
C LEU C 62 -22.36 -2.44 -1.26
N ALA C 63 -22.61 -1.94 -0.06
CA ALA C 63 -22.55 -0.49 0.19
C ALA C 63 -21.10 -0.02 0.20
N ASP C 64 -20.15 -0.94 0.19
CA ASP C 64 -18.73 -0.52 0.07
C ASP C 64 -18.56 -0.21 -1.40
N PRO C 65 -18.09 0.99 -1.77
CA PRO C 65 -18.03 1.31 -3.17
C PRO C 65 -17.15 0.29 -3.89
N GLU C 66 -16.04 -0.11 -3.26
CA GLU C 66 -15.05 -1.01 -3.90
C GLU C 66 -15.61 -2.41 -4.13
N SER C 67 -16.57 -2.84 -3.32
CA SER C 67 -16.98 -4.26 -3.43
C SER C 67 -17.50 -4.58 -4.83
N ALA C 68 -18.39 -3.78 -5.38
CA ALA C 68 -18.94 -4.06 -6.71
C ALA C 68 -17.84 -3.91 -7.75
N GLN C 69 -16.98 -2.92 -7.57
CA GLN C 69 -15.91 -2.67 -8.56
C GLN C 69 -15.07 -3.93 -8.62
N LYS C 70 -14.83 -4.54 -7.47
CA LYS C 70 -14.09 -5.83 -7.47
C LYS C 70 -14.87 -6.80 -8.35
N LEU C 71 -16.14 -7.02 -8.06
CA LEU C 71 -16.88 -8.01 -8.84
C LEU C 71 -16.73 -7.77 -10.33
N VAL C 72 -16.91 -6.52 -10.73
CA VAL C 72 -16.93 -6.20 -12.15
C VAL C 72 -15.53 -6.34 -12.76
N ALA C 73 -14.52 -5.89 -12.03
CA ALA C 73 -13.13 -5.97 -12.52
C ALA C 73 -12.77 -7.43 -12.72
N ALA C 74 -13.19 -8.26 -11.78
CA ALA C 74 -12.84 -9.68 -11.87
C ALA C 74 -13.44 -10.23 -13.15
N ALA C 75 -14.68 -9.87 -13.44
CA ALA C 75 -15.36 -10.43 -14.62
C ALA C 75 -14.64 -9.95 -15.87
N GLN C 76 -14.23 -8.70 -15.90
CA GLN C 76 -13.63 -8.16 -17.14
C GLN C 76 -12.32 -8.89 -17.44
N GLU C 77 -11.49 -9.11 -16.42
CA GLU C 77 -10.24 -9.87 -16.64
C GLU C 77 -10.56 -11.31 -17.01
N ARG C 78 -11.48 -11.94 -16.28
CA ARG C 78 -11.78 -13.37 -16.52
C ARG C 78 -12.48 -13.64 -17.86
N PHE C 79 -13.44 -12.81 -18.26
CA PHE C 79 -14.24 -13.17 -19.47
C PHE C 79 -14.41 -12.01 -20.47
N GLY C 80 -14.05 -10.78 -20.12
CA GLY C 80 -14.14 -9.69 -21.10
C GLY C 80 -15.56 -9.20 -21.45
N ARG C 81 -16.52 -9.63 -20.63
CA ARG C 81 -17.96 -9.45 -20.85
C ARG C 81 -18.68 -9.53 -19.49
N ILE C 82 -19.81 -8.82 -19.34
CA ILE C 82 -20.79 -9.11 -18.27
C ILE C 82 -22.15 -9.00 -18.93
N ASP C 83 -22.86 -10.12 -19.06
CA ASP C 83 -24.17 -10.11 -19.72
C ASP C 83 -25.33 -9.91 -18.73
N SER C 84 -25.28 -10.52 -17.55
CA SER C 84 -26.25 -10.30 -16.49
C SER C 84 -25.55 -10.01 -15.17
N ALA C 85 -26.27 -9.30 -14.29
CA ALA C 85 -25.87 -9.07 -12.91
C ALA C 85 -27.09 -8.99 -12.01
N ALA C 86 -27.07 -9.69 -10.86
CA ALA C 86 -28.11 -9.63 -9.84
C ALA C 86 -27.50 -9.39 -8.46
N ALA C 87 -28.23 -8.68 -7.60
CA ALA C 87 -27.72 -8.39 -6.27
C ALA C 87 -28.86 -8.16 -5.28
N PHE C 88 -28.66 -8.63 -4.05
CA PHE C 88 -29.70 -8.48 -3.01
C PHE C 88 -29.46 -7.22 -2.20
N SER C 89 -30.52 -6.49 -1.87
CA SER C 89 -30.35 -5.18 -1.20
C SER C 89 -30.49 -5.27 0.32
N GLY C 90 -29.37 -5.35 1.01
CA GLY C 90 -29.38 -5.28 2.50
C GLY C 90 -30.29 -6.26 3.17
N ARG C 91 -30.98 -5.80 4.22
CA ARG C 91 -31.85 -6.69 5.03
C ARG C 91 -32.89 -5.81 5.68
N VAL C 92 -34.03 -6.40 6.06
CA VAL C 92 -35.14 -5.58 6.62
C VAL C 92 -34.78 -5.07 8.02
N VAL C 93 -35.21 -3.87 8.35
CA VAL C 93 -35.05 -3.35 9.73
C VAL C 93 -36.47 -3.21 10.24
N THR C 94 -36.77 -3.75 11.41
CA THR C 94 -38.17 -3.73 11.90
C THR C 94 -38.28 -2.67 12.99
N GLY C 95 -39.23 -1.77 12.85
CA GLY C 95 -39.42 -0.72 13.87
C GLY C 95 -40.72 0.04 13.68
N LYS C 96 -41.12 0.83 14.68
CA LYS C 96 -42.30 1.70 14.50
C LYS C 96 -41.71 3.11 14.43
N PHE C 97 -42.09 3.88 13.43
CA PHE C 97 -41.42 5.20 13.23
C PHE C 97 -41.08 5.89 14.53
N LEU C 98 -42.04 6.00 15.44
CA LEU C 98 -41.73 6.85 16.61
C LEU C 98 -40.72 6.23 17.56
N ASP C 99 -40.47 4.93 17.44
CA ASP C 99 -39.49 4.18 18.23
C ASP C 99 -38.17 3.97 17.50
N SER C 100 -38.12 4.19 16.18
CA SER C 100 -36.88 4.10 15.42
C SER C 100 -35.85 5.18 15.78
N THR C 101 -34.66 5.01 15.21
CA THR C 101 -33.56 5.97 15.47
C THR C 101 -32.87 6.33 14.15
N LEU C 102 -32.11 7.42 14.15
CA LEU C 102 -31.43 7.92 12.92
C LEU C 102 -30.43 6.87 12.46
N GLU C 103 -29.83 6.15 13.41
CA GLU C 103 -28.88 5.08 13.05
C GLU C 103 -29.64 4.08 12.17
N ASP C 104 -30.93 3.88 12.44
CA ASP C 104 -31.74 2.99 11.59
C ASP C 104 -31.96 3.64 10.22
N LEU C 105 -32.20 4.95 10.18
CA LEU C 105 -32.41 5.63 8.90
C LEU C 105 -31.17 5.47 8.05
N HIS C 106 -30.00 5.56 8.68
CA HIS C 106 -28.78 5.30 7.95
C HIS C 106 -28.72 3.85 7.49
N SER C 107 -29.20 2.93 8.34
CA SER C 107 -29.10 1.51 7.99
C SER C 107 -29.94 1.20 6.74
N VAL C 108 -31.13 1.77 6.63
CA VAL C 108 -31.95 1.46 5.46
C VAL C 108 -31.45 2.22 4.24
N VAL C 109 -31.06 3.50 4.44
CA VAL C 109 -30.52 4.30 3.34
C VAL C 109 -29.32 3.60 2.74
N GLN C 110 -28.46 3.04 3.57
CA GLN C 110 -27.22 2.44 3.06
C GLN C 110 -27.56 1.14 2.35
N GLY C 111 -28.29 0.27 3.03
CA GLY C 111 -28.60 -1.04 2.47
C GLY C 111 -29.49 -1.01 1.25
N CYS C 112 -30.51 -0.16 1.25
CA CYS C 112 -31.46 -0.21 0.11
C CYS C 112 -31.20 0.90 -0.91
N LEU C 113 -30.43 1.93 -0.58
CA LEU C 113 -30.27 3.04 -1.56
C LEU C 113 -28.83 3.14 -2.04
N GLU C 114 -27.86 3.08 -1.14
CA GLU C 114 -26.46 3.27 -1.56
C GLU C 114 -25.93 1.97 -2.15
N ALA C 115 -26.37 0.83 -1.61
CA ALA C 115 -25.84 -0.44 -2.10
C ALA C 115 -26.23 -0.64 -3.58
N PRO C 116 -27.51 -0.54 -3.94
CA PRO C 116 -27.80 -0.64 -5.37
C PRO C 116 -27.16 0.49 -6.16
N TYR C 117 -27.07 1.72 -5.62
CA TYR C 117 -26.40 2.80 -6.33
C TYR C 117 -25.03 2.36 -6.84
N HIS C 118 -24.16 1.92 -5.92
CA HIS C 118 -22.84 1.43 -6.27
C HIS C 118 -22.87 0.22 -7.19
N PHE C 119 -23.79 -0.73 -6.94
CA PHE C 119 -23.92 -1.88 -7.84
C PHE C 119 -24.18 -1.41 -9.28
N LEU C 120 -25.18 -0.54 -9.42
CA LEU C 120 -25.55 -0.08 -10.77
C LEU C 120 -24.40 0.68 -11.40
N LYS C 121 -23.79 1.59 -10.67
CA LYS C 121 -22.72 2.45 -11.24
C LYS C 121 -21.53 1.62 -11.69
N ALA C 122 -21.22 0.56 -10.97
CA ALA C 122 -20.12 -0.35 -11.37
C ALA C 122 -20.43 -1.20 -12.59
N VAL C 123 -21.62 -1.77 -12.68
CA VAL C 123 -21.91 -2.76 -13.77
C VAL C 123 -22.45 -2.09 -15.02
N VAL C 124 -23.25 -1.05 -14.86
CA VAL C 124 -23.91 -0.51 -16.06
C VAL C 124 -22.93 0.02 -17.10
N PRO C 125 -21.92 0.84 -16.74
CA PRO C 125 -20.98 1.35 -17.77
C PRO C 125 -20.40 0.28 -18.66
N VAL C 126 -20.10 -0.89 -18.08
CA VAL C 126 -19.58 -2.01 -18.85
C VAL C 126 -20.62 -2.47 -19.86
N MET C 127 -21.81 -2.74 -19.36
CA MET C 127 -22.87 -3.25 -20.24
C MET C 127 -23.13 -2.23 -21.35
N VAL C 128 -22.97 -0.95 -21.06
CA VAL C 128 -23.27 0.11 -22.07
C VAL C 128 -22.32 -0.04 -23.25
N GLU C 129 -21.05 -0.28 -22.98
CA GLU C 129 -20.04 -0.39 -24.07
C GLU C 129 -20.39 -1.58 -24.94
N GLN C 130 -20.81 -2.67 -24.31
CA GLN C 130 -21.21 -3.88 -25.06
C GLN C 130 -22.52 -3.61 -25.79
N GLY C 131 -23.18 -2.49 -25.51
CA GLY C 131 -24.47 -2.28 -26.09
C GLY C 131 -25.53 -3.26 -25.62
N ASP C 132 -25.26 -4.09 -24.61
CA ASP C 132 -26.37 -4.84 -24.06
C ASP C 132 -26.01 -5.26 -22.65
N GLY C 133 -27.04 -5.54 -21.84
CA GLY C 133 -26.86 -6.02 -20.48
C GLY C 133 -28.17 -6.12 -19.73
N GLN C 134 -28.25 -7.08 -18.79
CA GLN C 134 -29.43 -7.27 -17.95
C GLN C 134 -29.05 -7.09 -16.48
N VAL C 135 -29.71 -6.15 -15.79
CA VAL C 135 -29.45 -5.88 -14.39
C VAL C 135 -30.68 -6.18 -13.55
N LEU C 136 -30.49 -6.81 -12.39
CA LEU C 136 -31.60 -7.13 -11.50
C LEU C 136 -31.27 -6.84 -10.04
N VAL C 137 -31.98 -5.88 -9.43
CA VAL C 137 -31.89 -5.57 -8.01
C VAL C 137 -33.03 -6.26 -7.25
N MET C 138 -32.67 -7.12 -6.28
CA MET C 138 -33.65 -7.75 -5.38
C MET C 138 -33.82 -6.99 -4.07
N ALA C 150 -41.80 -1.58 10.29
CA ALA C 150 -40.79 -1.42 9.25
C ALA C 150 -41.07 -0.23 8.34
N SER C 151 -41.60 0.87 8.90
CA SER C 151 -41.90 2.05 8.11
C SER C 151 -40.67 2.54 7.34
N LEU C 152 -39.50 2.63 7.99
CA LEU C 152 -38.33 3.15 7.29
C LEU C 152 -37.89 2.20 6.17
N TYR C 153 -37.84 0.90 6.42
CA TYR C 153 -37.49 -0.01 5.35
C TYR C 153 -38.40 0.21 4.15
N SER C 154 -39.71 0.33 4.38
CA SER C 154 -40.60 0.55 3.25
C SER C 154 -40.21 1.77 2.43
N SER C 155 -39.86 2.85 3.13
CA SER C 155 -39.48 4.10 2.44
C SER C 155 -38.28 3.86 1.53
N ALA C 156 -37.24 3.22 2.03
CA ALA C 156 -36.01 3.00 1.25
C ALA C 156 -36.27 2.11 0.03
N ARG C 157 -37.11 1.09 0.17
CA ARG C 157 -37.46 0.22 -0.98
C ARG C 157 -38.18 1.06 -2.01
N ALA C 158 -39.00 2.00 -1.57
CA ALA C 158 -39.67 2.91 -2.52
C ALA C 158 -38.59 3.72 -3.25
N GLY C 159 -37.66 4.29 -2.49
CA GLY C 159 -36.57 5.01 -3.12
C GLY C 159 -35.77 4.16 -4.09
N ALA C 160 -35.57 2.87 -3.74
CA ALA C 160 -34.76 1.97 -4.59
C ALA C 160 -35.48 1.61 -5.88
N THR C 161 -36.79 1.47 -5.79
CA THR C 161 -37.61 1.16 -6.97
C THR C 161 -37.55 2.32 -7.96
N MET C 162 -37.76 3.55 -7.49
CA MET C 162 -37.77 4.72 -8.40
C MET C 162 -36.43 4.84 -9.10
N MET C 163 -35.37 4.51 -8.41
CA MET C 163 -34.03 4.62 -9.02
C MET C 163 -33.96 3.64 -10.18
N VAL C 164 -34.41 2.42 -9.98
CA VAL C 164 -34.30 1.40 -11.06
C VAL C 164 -35.15 1.89 -12.22
N LYS C 165 -36.31 2.44 -11.93
CA LYS C 165 -37.21 2.94 -12.98
C LYS C 165 -36.56 4.09 -13.73
N ASN C 166 -35.94 5.01 -13.01
CA ASN C 166 -35.38 6.21 -13.65
C ASN C 166 -34.11 5.84 -14.41
N VAL C 167 -33.28 4.99 -13.82
CA VAL C 167 -32.05 4.60 -14.49
C VAL C 167 -32.40 3.83 -15.75
N ALA C 168 -33.40 2.94 -15.65
CA ALA C 168 -33.76 2.15 -16.81
C ALA C 168 -34.11 3.08 -17.97
N ALA C 169 -34.89 4.13 -17.69
CA ALA C 169 -35.26 5.04 -18.79
C ALA C 169 -33.99 5.67 -19.40
N GLU C 170 -33.06 6.08 -18.53
CA GLU C 170 -31.79 6.65 -18.97
C GLU C 170 -30.95 5.70 -19.84
N VAL C 171 -30.82 4.43 -19.45
CA VAL C 171 -29.82 3.60 -20.13
C VAL C 171 -30.40 2.61 -21.15
N ALA C 172 -31.73 2.55 -21.30
CA ALA C 172 -32.34 1.77 -22.38
C ALA C 172 -31.71 2.10 -23.73
N ARG C 173 -31.29 3.35 -23.92
CA ARG C 173 -30.63 3.81 -25.14
C ARG C 173 -29.52 2.86 -25.50
N ASN C 174 -28.87 2.32 -24.48
CA ASN C 174 -27.68 1.50 -24.62
C ASN C 174 -27.95 0.00 -24.60
N GLY C 175 -29.22 -0.41 -24.57
CA GLY C 175 -29.57 -1.81 -24.61
C GLY C 175 -29.51 -2.51 -23.28
N VAL C 176 -29.35 -1.75 -22.18
CA VAL C 176 -29.22 -2.31 -20.85
C VAL C 176 -30.60 -2.19 -20.18
N GLN C 177 -31.17 -3.32 -19.74
CA GLN C 177 -32.42 -3.25 -19.00
C GLN C 177 -32.13 -3.39 -17.51
N VAL C 178 -32.94 -2.73 -16.68
CA VAL C 178 -32.74 -2.71 -15.24
C VAL C 178 -34.07 -2.96 -14.55
N ASN C 179 -34.18 -4.01 -13.72
CA ASN C 179 -35.45 -4.28 -13.03
C ASN C 179 -35.26 -4.61 -11.55
N ALA C 180 -36.37 -4.57 -10.82
CA ALA C 180 -36.38 -4.89 -9.39
C ALA C 180 -37.39 -6.00 -9.10
N VAL C 181 -36.95 -6.99 -8.31
CA VAL C 181 -37.78 -8.10 -7.82
C VAL C 181 -38.00 -7.97 -6.32
N GLY C 182 -39.27 -8.03 -5.91
CA GLY C 182 -39.65 -8.04 -4.51
C GLY C 182 -39.76 -9.42 -3.90
N GLY C 216 -43.09 -19.82 -1.16
CA GLY C 216 -42.27 -20.86 -1.72
C GLY C 216 -40.86 -20.85 -1.18
N THR C 217 -40.03 -21.71 -1.78
CA THR C 217 -38.62 -21.82 -1.43
C THR C 217 -37.77 -20.83 -2.24
N VAL C 218 -36.47 -20.83 -1.94
CA VAL C 218 -35.50 -20.08 -2.73
C VAL C 218 -35.37 -20.67 -4.13
N GLU C 219 -35.63 -21.98 -4.28
CA GLU C 219 -35.44 -22.64 -5.56
C GLU C 219 -36.37 -22.06 -6.62
N GLU C 220 -37.65 -21.95 -6.29
CA GLU C 220 -38.60 -21.38 -7.24
C GLU C 220 -38.40 -19.88 -7.40
N PHE C 221 -37.98 -19.19 -6.35
CA PHE C 221 -37.75 -17.74 -6.45
C PHE C 221 -36.63 -17.45 -7.45
N ALA C 222 -35.57 -18.26 -7.44
CA ALA C 222 -34.56 -18.18 -8.48
C ALA C 222 -35.18 -18.38 -9.87
N SER C 223 -35.96 -19.46 -10.04
CA SER C 223 -36.66 -19.64 -11.33
C SER C 223 -37.43 -18.38 -11.72
N PHE C 224 -38.12 -17.77 -10.77
CA PHE C 224 -38.96 -16.60 -11.06
C PHE C 224 -38.12 -15.43 -11.50
N CYS C 225 -36.87 -15.40 -11.05
CA CYS C 225 -35.98 -14.30 -11.40
C CYS C 225 -35.37 -14.46 -12.78
N MET C 226 -35.32 -15.69 -13.29
CA MET C 226 -34.56 -15.94 -14.52
C MET C 226 -34.98 -15.09 -15.73
N PRO C 227 -36.30 -14.85 -16.01
CA PRO C 227 -36.69 -14.00 -17.16
C PRO C 227 -35.97 -12.66 -17.26
N PHE C 228 -35.40 -12.20 -16.16
CA PHE C 228 -34.69 -10.93 -16.11
C PHE C 228 -33.20 -11.05 -16.30
N ILE C 229 -32.66 -12.27 -16.36
CA ILE C 229 -31.20 -12.39 -16.37
C ILE C 229 -30.69 -13.54 -17.23
N ASP C 230 -31.59 -14.38 -17.76
CA ASP C 230 -31.11 -15.52 -18.55
C ASP C 230 -30.99 -15.21 -20.03
N GLY C 231 -31.39 -14.02 -20.47
CA GLY C 231 -31.27 -13.62 -21.85
C GLY C 231 -32.44 -13.98 -22.73
N THR C 232 -33.45 -14.67 -22.19
CA THR C 232 -34.54 -15.14 -23.05
C THR C 232 -35.50 -14.00 -23.41
N SER C 233 -35.70 -13.08 -22.48
CA SER C 233 -36.59 -11.94 -22.65
C SER C 233 -35.81 -10.64 -22.40
N LYS C 234 -35.82 -9.75 -23.39
CA LYS C 234 -34.87 -8.67 -23.43
C LYS C 234 -35.57 -7.31 -23.47
N PHE C 235 -36.89 -7.23 -23.22
CA PHE C 235 -37.61 -5.97 -23.51
C PHE C 235 -38.41 -5.36 -22.37
N THR C 236 -38.53 -6.02 -21.23
CA THR C 236 -39.05 -5.40 -20.01
C THR C 236 -37.93 -4.69 -19.25
N THR C 237 -38.24 -3.48 -18.73
CA THR C 237 -37.21 -2.74 -18.01
C THR C 237 -37.80 -1.70 -17.08
N GLY C 238 -37.04 -1.37 -16.02
CA GLY C 238 -37.44 -0.42 -14.99
C GLY C 238 -38.74 -0.78 -14.33
N GLN C 239 -39.00 -2.09 -14.26
CA GLN C 239 -40.18 -2.67 -13.63
C GLN C 239 -39.89 -3.11 -12.20
N PHE C 240 -40.88 -2.97 -11.33
CA PHE C 240 -40.86 -3.59 -10.02
C PHE C 240 -41.95 -4.64 -9.96
N ILE C 241 -41.55 -5.88 -9.70
CA ILE C 241 -42.53 -6.95 -9.65
C ILE C 241 -42.45 -7.61 -8.29
N ALA C 242 -43.61 -7.88 -7.69
CA ALA C 242 -43.71 -8.50 -6.37
C ALA C 242 -43.84 -10.02 -6.51
N LYS D 6 14.66 28.79 -22.26
CA LYS D 6 15.15 28.55 -23.61
C LYS D 6 16.23 27.47 -23.64
N ARG D 7 16.88 27.13 -22.52
CA ARG D 7 17.80 25.99 -22.55
C ARG D 7 17.01 24.69 -22.41
N VAL D 8 17.52 23.62 -23.04
CA VAL D 8 16.85 22.31 -23.05
C VAL D 8 17.62 21.33 -22.14
N ALA D 9 16.89 20.70 -21.20
CA ALA D 9 17.45 19.74 -20.26
C ALA D 9 16.86 18.34 -20.49
N LEU D 10 17.76 17.36 -20.65
CA LEU D 10 17.41 15.99 -20.91
C LEU D 10 17.57 15.21 -19.59
N VAL D 11 16.54 14.49 -19.17
CA VAL D 11 16.60 13.66 -17.94
C VAL D 11 16.16 12.24 -18.33
N GLY D 12 17.06 11.27 -18.25
CA GLY D 12 16.76 9.91 -18.74
C GLY D 12 15.65 9.19 -18.03
N ASP D 13 15.55 9.28 -16.72
CA ASP D 13 14.55 8.50 -15.95
C ASP D 13 13.75 9.41 -15.04
N ALA D 14 12.55 9.78 -15.46
CA ALA D 14 11.66 10.61 -14.63
C ALA D 14 10.57 9.71 -14.08
N SER D 15 10.77 8.41 -14.22
CA SER D 15 9.73 7.45 -13.80
C SER D 15 9.49 7.43 -12.29
N PHE D 16 10.54 7.53 -11.47
CA PHE D 16 10.34 7.35 -10.00
C PHE D 16 10.30 8.66 -9.21
N TYR D 17 11.32 8.93 -8.39
CA TYR D 17 11.27 10.12 -7.52
C TYR D 17 12.41 11.11 -7.81
N VAL D 18 13.62 10.62 -8.01
CA VAL D 18 14.79 11.52 -8.20
C VAL D 18 14.62 12.35 -9.46
N GLY D 19 14.24 11.72 -10.56
CA GLY D 19 14.12 12.44 -11.83
C GLY D 19 13.01 13.47 -11.83
N PRO D 20 11.79 13.13 -11.37
CA PRO D 20 10.74 14.13 -11.27
C PRO D 20 11.27 15.37 -10.55
N SER D 21 11.94 15.17 -9.43
CA SER D 21 12.49 16.27 -8.64
C SER D 21 13.45 17.10 -9.46
N LEU D 22 14.35 16.42 -10.19
CA LEU D 22 15.27 17.12 -11.06
C LEU D 22 14.53 17.98 -12.06
N ALA D 23 13.55 17.39 -12.74
CA ALA D 23 12.74 18.11 -13.73
C ALA D 23 12.08 19.35 -13.14
N ARG D 24 11.48 19.20 -11.96
CA ARG D 24 10.81 20.33 -11.32
C ARG D 24 11.80 21.46 -11.06
N GLU D 25 12.99 21.14 -10.56
CA GLU D 25 13.92 22.24 -10.20
C GLU D 25 14.39 22.95 -11.46
N LEU D 26 14.67 22.20 -12.51
CA LEU D 26 15.18 22.80 -13.76
C LEU D 26 14.11 23.72 -14.31
N ALA D 27 12.85 23.33 -14.17
CA ALA D 27 11.75 24.18 -14.65
C ALA D 27 11.74 25.50 -13.88
N ARG D 28 11.94 25.44 -12.57
CA ARG D 28 12.01 26.67 -11.73
C ARG D 28 13.22 27.47 -12.18
N ARG D 29 14.18 26.80 -12.82
CA ARG D 29 15.42 27.46 -13.31
C ARG D 29 15.24 27.85 -14.78
N GLU D 30 14.02 27.76 -15.31
CA GLU D 30 13.71 28.24 -16.67
C GLU D 30 14.28 27.31 -17.73
N HIS D 31 14.11 26.01 -17.54
CA HIS D 31 14.53 25.02 -18.52
C HIS D 31 13.32 24.36 -19.17
N ASN D 32 13.40 24.15 -20.48
CA ASN D 32 12.51 23.21 -21.15
C ASN D 32 13.04 21.79 -20.97
N LEU D 33 12.16 20.79 -21.06
CA LEU D 33 12.49 19.44 -20.59
C LEU D 33 12.23 18.37 -21.63
N VAL D 34 13.19 17.44 -21.76
CA VAL D 34 13.00 16.15 -22.40
C VAL D 34 13.09 15.11 -21.29
N LEU D 35 11.96 14.47 -20.96
CA LEU D 35 11.89 13.52 -19.85
C LEU D 35 11.64 12.10 -20.37
N GLY D 36 12.41 11.14 -19.83
CA GLY D 36 12.24 9.75 -20.18
C GLY D 36 11.23 9.08 -19.30
N ASP D 37 10.22 8.47 -19.92
CA ASP D 37 9.12 7.77 -19.28
C ASP D 37 8.66 8.50 -18.04
N PRO D 38 8.16 9.76 -18.23
CA PRO D 38 7.82 10.58 -17.10
C PRO D 38 6.72 9.94 -16.26
N ALA D 39 6.68 10.30 -14.99
CA ALA D 39 5.71 9.70 -14.06
C ALA D 39 4.31 10.24 -14.33
N GLU D 40 3.30 9.56 -13.80
CA GLU D 40 1.91 9.96 -14.04
C GLU D 40 1.67 11.35 -13.49
N GLY D 41 1.03 12.20 -14.28
CA GLY D 41 0.67 13.54 -13.81
C GLY D 41 1.80 14.53 -13.79
N LEU D 42 3.03 14.12 -14.11
CA LEU D 42 4.09 15.13 -13.97
C LEU D 42 4.13 16.10 -15.16
N VAL D 43 4.03 15.54 -16.38
CA VAL D 43 3.99 16.34 -17.59
C VAL D 43 3.01 17.48 -17.44
N ASP D 44 1.76 17.14 -17.10
CA ASP D 44 0.70 18.16 -17.03
C ASP D 44 1.11 19.22 -16.02
N GLU D 45 1.71 18.80 -14.92
CA GLU D 45 2.04 19.76 -13.85
C GLU D 45 3.02 20.78 -14.43
N LEU D 46 4.03 20.31 -15.14
CA LEU D 46 5.04 21.22 -15.74
C LEU D 46 4.43 22.05 -16.87
N THR D 47 3.53 21.46 -17.65
CA THR D 47 2.86 22.20 -18.75
C THR D 47 2.09 23.34 -18.12
N ALA D 48 1.41 23.08 -17.00
CA ALA D 48 0.66 24.12 -16.29
C ALA D 48 1.63 25.18 -15.78
N LEU D 49 2.82 24.78 -15.34
CA LEU D 49 3.85 25.75 -14.87
C LEU D 49 4.32 26.56 -16.08
N GLY D 50 3.99 26.10 -17.29
CA GLY D 50 4.30 26.89 -18.50
C GLY D 50 5.60 26.50 -19.16
N VAL D 51 6.30 25.51 -18.63
CA VAL D 51 7.53 25.05 -19.34
C VAL D 51 7.06 24.09 -20.43
N GLU D 52 7.91 23.86 -21.42
CA GLU D 52 7.56 22.88 -22.47
C GLU D 52 8.19 21.54 -22.11
N VAL D 53 7.57 20.44 -22.52
CA VAL D 53 8.00 19.09 -22.16
C VAL D 53 7.84 18.11 -23.34
N GLU D 54 8.87 17.31 -23.59
CA GLU D 54 8.77 16.24 -24.60
C GLU D 54 8.90 14.91 -23.86
N ALA D 55 7.91 14.05 -24.01
CA ALA D 55 7.93 12.77 -23.26
C ALA D 55 8.46 11.70 -24.17
N VAL D 56 9.56 11.08 -23.77
CA VAL D 56 10.12 9.97 -24.56
C VAL D 56 9.75 8.69 -23.82
N LEU D 57 9.19 7.72 -24.52
CA LEU D 57 8.69 6.51 -23.84
C LEU D 57 9.58 5.31 -24.17
N GLY D 58 9.66 4.33 -23.27
CA GLY D 58 10.44 3.11 -23.50
C GLY D 58 11.94 3.33 -23.40
N VAL D 59 12.38 4.33 -22.64
CA VAL D 59 13.83 4.67 -22.61
C VAL D 59 14.48 4.38 -21.26
N ARG D 60 13.76 3.80 -20.30
CA ARG D 60 14.31 3.63 -18.93
C ARG D 60 15.50 2.66 -18.89
N ASN D 61 15.46 1.56 -19.64
CA ASN D 61 16.65 0.66 -19.67
C ASN D 61 17.73 1.41 -20.43
N LEU D 62 18.66 2.01 -19.71
CA LEU D 62 19.65 2.81 -20.39
C LEU D 62 20.74 1.93 -21.02
N ALA D 63 20.78 0.65 -20.62
CA ALA D 63 21.67 -0.36 -21.20
C ALA D 63 21.28 -0.78 -22.61
N ASP D 64 20.01 -0.63 -23.00
CA ASP D 64 19.62 -0.75 -24.41
C ASP D 64 20.18 0.46 -25.17
N PRO D 65 21.08 0.26 -26.15
CA PRO D 65 21.64 1.41 -26.87
C PRO D 65 20.59 2.33 -27.44
N GLU D 66 19.44 1.81 -27.88
CA GLU D 66 18.43 2.65 -28.50
C GLU D 66 18.04 3.81 -27.60
N SER D 67 17.88 3.55 -26.30
CA SER D 67 17.30 4.50 -25.35
C SER D 67 17.99 5.85 -25.37
N ALA D 68 19.31 5.88 -25.17
CA ALA D 68 20.00 7.17 -25.19
C ALA D 68 19.74 7.87 -26.52
N GLN D 69 19.93 7.14 -27.62
CA GLN D 69 19.80 7.70 -28.98
C GLN D 69 18.38 8.26 -29.21
N LYS D 70 17.35 7.48 -28.82
CA LYS D 70 15.93 7.82 -28.92
C LYS D 70 15.60 9.05 -28.11
N LEU D 71 16.11 9.18 -26.89
CA LEU D 71 15.98 10.46 -26.19
C LEU D 71 16.56 11.60 -27.01
N VAL D 72 17.74 11.38 -27.60
CA VAL D 72 18.45 12.46 -28.26
C VAL D 72 17.66 12.96 -29.47
N ALA D 73 17.26 12.03 -30.34
CA ALA D 73 16.38 12.35 -31.47
C ALA D 73 15.13 13.12 -31.04
N ALA D 74 14.46 12.67 -29.97
CA ALA D 74 13.26 13.41 -29.56
C ALA D 74 13.62 14.85 -29.24
N ALA D 75 14.76 15.04 -28.57
CA ALA D 75 15.19 16.38 -28.25
C ALA D 75 15.47 17.17 -29.52
N GLN D 76 16.23 16.59 -30.45
CA GLN D 76 16.64 17.28 -31.68
C GLN D 76 15.44 17.72 -32.48
N GLU D 77 14.52 16.78 -32.71
CA GLU D 77 13.37 17.06 -33.55
C GLU D 77 12.50 18.13 -32.90
N ARG D 78 12.27 18.02 -31.59
CA ARG D 78 11.25 18.82 -30.95
C ARG D 78 11.75 20.13 -30.37
N PHE D 79 13.06 20.33 -30.27
CA PHE D 79 13.60 21.55 -29.67
C PHE D 79 14.83 22.03 -30.40
N GLY D 80 15.42 21.12 -31.20
CA GLY D 80 16.62 21.39 -31.98
C GLY D 80 17.90 21.62 -31.21
N ARG D 81 17.93 21.33 -29.90
CA ARG D 81 19.17 21.52 -29.16
C ARG D 81 19.05 20.79 -27.81
N ILE D 82 20.22 20.48 -27.24
CA ILE D 82 20.37 19.85 -25.92
C ILE D 82 21.38 20.66 -25.12
N ASP D 83 20.93 21.34 -24.08
CA ASP D 83 21.89 22.12 -23.33
C ASP D 83 22.53 21.34 -22.19
N SER D 84 21.69 20.62 -21.41
CA SER D 84 22.14 19.79 -20.27
C SER D 84 21.48 18.42 -20.34
N ALA D 85 22.19 17.38 -19.90
CA ALA D 85 21.62 16.04 -19.79
C ALA D 85 22.14 15.35 -18.54
N ALA D 86 21.25 14.66 -17.82
CA ALA D 86 21.62 13.84 -16.67
C ALA D 86 21.08 12.43 -16.81
N ALA D 87 21.87 11.43 -16.36
CA ALA D 87 21.41 10.03 -16.40
C ALA D 87 22.14 9.20 -15.34
N PHE D 88 21.41 8.30 -14.66
CA PHE D 88 21.97 7.38 -13.68
C PHE D 88 22.28 6.01 -14.27
N SER D 89 23.49 5.51 -13.96
CA SER D 89 23.91 4.19 -14.45
C SER D 89 24.56 3.36 -13.35
N GLY D 90 24.22 2.07 -13.34
CA GLY D 90 24.92 1.07 -12.54
C GLY D 90 24.12 -0.03 -11.89
N ARG D 91 24.84 -1.13 -11.68
CA ARG D 91 24.33 -2.41 -11.22
C ARG D 91 25.25 -2.92 -10.11
N VAL D 92 24.74 -3.15 -8.92
CA VAL D 92 25.62 -3.74 -7.91
C VAL D 92 25.51 -5.26 -7.98
N VAL D 93 26.63 -5.94 -8.17
CA VAL D 93 26.70 -7.40 -7.96
C VAL D 93 27.77 -7.68 -6.92
N THR D 94 27.38 -8.32 -5.83
CA THR D 94 28.32 -8.70 -4.79
C THR D 94 28.60 -10.19 -4.79
N GLY D 95 29.59 -10.60 -4.02
CA GLY D 95 29.97 -11.99 -3.96
C GLY D 95 31.48 -12.12 -4.08
N LYS D 96 32.04 -13.10 -3.37
CA LYS D 96 33.46 -13.43 -3.50
C LYS D 96 33.80 -13.84 -4.93
N PHE D 97 35.02 -13.44 -5.34
CA PHE D 97 35.50 -13.62 -6.71
C PHE D 97 35.55 -15.07 -7.13
N LEU D 98 36.25 -15.93 -6.38
CA LEU D 98 36.30 -17.31 -6.86
C LEU D 98 34.94 -17.99 -6.97
N ASP D 99 33.87 -17.37 -6.45
CA ASP D 99 32.52 -17.91 -6.57
C ASP D 99 31.70 -17.24 -7.67
N SER D 100 32.18 -16.14 -8.23
CA SER D 100 31.46 -15.41 -9.30
C SER D 100 31.41 -16.21 -10.59
N THR D 101 30.66 -15.68 -11.57
CA THR D 101 30.55 -16.26 -12.90
C THR D 101 30.82 -15.20 -13.97
N LEU D 102 30.99 -15.66 -15.21
CA LEU D 102 31.17 -14.72 -16.31
C LEU D 102 29.94 -13.85 -16.48
N GLU D 103 28.76 -14.41 -16.17
CA GLU D 103 27.53 -13.65 -16.20
C GLU D 103 27.55 -12.50 -15.20
N ASP D 104 28.20 -12.69 -14.03
CA ASP D 104 28.33 -11.59 -13.08
C ASP D 104 29.17 -10.45 -13.66
N LEU D 105 30.31 -10.78 -14.27
CA LEU D 105 31.12 -9.74 -14.91
C LEU D 105 30.32 -9.04 -16.01
N HIS D 106 29.55 -9.82 -16.78
CA HIS D 106 28.77 -9.22 -17.85
C HIS D 106 27.73 -8.24 -17.31
N SER D 107 27.05 -8.58 -16.21
CA SER D 107 26.02 -7.69 -15.68
C SER D 107 26.60 -6.36 -15.22
N VAL D 108 27.77 -6.41 -14.55
CA VAL D 108 28.31 -5.14 -14.02
C VAL D 108 28.91 -4.31 -15.14
N VAL D 109 29.51 -4.95 -16.14
CA VAL D 109 29.95 -4.22 -17.33
C VAL D 109 28.79 -3.51 -18.01
N GLN D 110 27.68 -4.22 -18.23
CA GLN D 110 26.53 -3.61 -18.90
C GLN D 110 25.99 -2.44 -18.10
N GLY D 111 25.82 -2.62 -16.79
CA GLY D 111 25.14 -1.59 -16.04
C GLY D 111 26.02 -0.40 -15.74
N CYS D 112 27.30 -0.65 -15.48
CA CYS D 112 28.21 0.39 -15.03
C CYS D 112 29.03 1.03 -16.12
N LEU D 113 29.22 0.33 -17.25
CA LEU D 113 30.12 0.71 -18.33
C LEU D 113 29.41 0.93 -19.68
N GLU D 114 28.63 -0.06 -20.15
CA GLU D 114 27.98 0.10 -21.45
C GLU D 114 26.90 1.18 -21.39
N ALA D 115 26.07 1.18 -20.34
CA ALA D 115 24.98 2.15 -20.27
C ALA D 115 25.50 3.59 -20.31
N PRO D 116 26.51 3.98 -19.53
CA PRO D 116 27.06 5.33 -19.72
C PRO D 116 27.72 5.54 -21.08
N TYR D 117 28.46 4.54 -21.57
CA TYR D 117 29.03 4.69 -22.91
C TYR D 117 27.93 5.15 -23.89
N HIS D 118 26.86 4.37 -23.98
CA HIS D 118 25.75 4.70 -24.91
C HIS D 118 25.30 6.14 -24.69
N PHE D 119 25.18 6.57 -23.44
CA PHE D 119 24.64 7.93 -23.18
C PHE D 119 25.56 8.98 -23.75
N LEU D 120 26.85 8.87 -23.47
CA LEU D 120 27.80 9.91 -23.92
C LEU D 120 27.92 9.91 -25.44
N LYS D 121 27.97 8.73 -26.03
CA LYS D 121 28.13 8.64 -27.50
C LYS D 121 26.91 9.22 -28.18
N ALA D 122 25.72 8.99 -27.65
CA ALA D 122 24.49 9.57 -28.22
C ALA D 122 24.33 11.07 -27.99
N VAL D 123 24.70 11.56 -26.80
CA VAL D 123 24.39 12.96 -26.43
C VAL D 123 25.53 13.94 -26.72
N VAL D 124 26.77 13.56 -26.44
CA VAL D 124 27.85 14.52 -26.55
C VAL D 124 28.00 14.99 -28.00
N PRO D 125 28.04 14.11 -29.02
CA PRO D 125 28.22 14.61 -30.40
C PRO D 125 27.33 15.82 -30.73
N VAL D 126 26.08 15.77 -30.31
CA VAL D 126 25.15 16.91 -30.54
C VAL D 126 25.74 18.16 -29.87
N MET D 127 26.15 18.01 -28.62
CA MET D 127 26.70 19.16 -27.87
C MET D 127 27.96 19.66 -28.56
N VAL D 128 28.78 18.77 -29.10
CA VAL D 128 30.05 19.19 -29.74
C VAL D 128 29.71 20.10 -30.91
N GLU D 129 28.64 19.76 -31.62
CA GLU D 129 28.22 20.57 -32.80
C GLU D 129 27.91 21.98 -32.32
N GLN D 130 27.27 22.10 -31.15
CA GLN D 130 26.86 23.43 -30.67
C GLN D 130 28.02 24.13 -29.97
N GLY D 131 29.16 23.45 -29.85
CA GLY D 131 30.27 24.03 -29.12
C GLY D 131 29.94 24.33 -27.67
N ASP D 132 28.82 23.74 -27.19
CA ASP D 132 28.39 23.93 -25.80
C ASP D 132 27.49 22.79 -25.30
N GLY D 133 27.63 22.42 -24.02
CA GLY D 133 26.77 21.40 -23.42
C GLY D 133 27.33 20.95 -22.08
N GLN D 134 26.40 20.52 -21.21
CA GLN D 134 26.74 19.95 -19.90
C GLN D 134 26.18 18.52 -19.72
N VAL D 135 27.06 17.55 -19.47
CA VAL D 135 26.66 16.17 -19.18
C VAL D 135 26.92 15.86 -17.71
N LEU D 136 25.97 15.15 -17.07
CA LEU D 136 26.14 14.69 -15.70
C LEU D 136 25.82 13.19 -15.64
N VAL D 137 26.86 12.43 -15.33
CA VAL D 137 26.76 11.00 -15.05
C VAL D 137 26.54 10.80 -13.56
N MET D 138 25.37 10.25 -13.17
CA MET D 138 25.16 9.85 -11.78
C MET D 138 25.58 8.40 -11.65
N THR D 139 26.53 8.17 -10.74
CA THR D 139 27.14 6.84 -10.66
C THR D 139 26.59 5.99 -9.53
N SER D 140 26.68 4.68 -9.70
CA SER D 140 26.27 3.74 -8.64
C SER D 140 27.31 3.85 -7.56
N ALA D 141 27.03 3.28 -6.39
CA ALA D 141 27.94 3.48 -5.26
C ALA D 141 29.36 2.96 -5.50
N THR D 142 30.31 3.57 -4.81
CA THR D 142 31.70 3.11 -4.86
C THR D 142 31.92 2.22 -3.65
N ALA D 143 32.53 1.07 -3.88
CA ALA D 143 32.75 0.08 -2.83
C ALA D 143 33.99 0.46 -2.05
N ALA D 144 34.22 -0.28 -0.98
CA ALA D 144 35.38 -0.03 -0.11
C ALA D 144 36.63 -0.47 -0.86
N ARG D 145 37.77 0.03 -0.42
CA ARG D 145 39.08 -0.42 -0.93
C ARG D 145 39.83 -1.06 0.22
N PRO D 146 40.27 -2.33 0.14
CA PRO D 146 40.02 -3.16 -1.04
C PRO D 146 38.58 -3.69 -1.13
N SER D 147 38.09 -3.90 -2.35
CA SER D 147 36.66 -4.16 -2.63
C SER D 147 36.37 -5.65 -2.49
N ARG D 148 36.75 -6.22 -1.36
CA ARG D 148 36.46 -7.61 -1.01
C ARG D 148 34.94 -7.78 -1.00
N GLY D 149 34.44 -8.90 -1.52
CA GLY D 149 33.01 -9.06 -1.69
C GLY D 149 32.41 -8.31 -2.87
N ALA D 150 33.20 -7.54 -3.61
CA ALA D 150 32.65 -6.86 -4.76
C ALA D 150 33.74 -6.64 -5.82
N SER D 151 34.65 -7.61 -5.99
CA SER D 151 35.77 -7.44 -6.92
C SER D 151 35.32 -7.03 -8.31
N LEU D 152 34.38 -7.78 -8.92
CA LEU D 152 33.95 -7.52 -10.30
C LEU D 152 33.24 -6.18 -10.45
N TYR D 153 32.26 -5.91 -9.58
CA TYR D 153 31.56 -4.62 -9.64
C TYR D 153 32.55 -3.47 -9.60
N SER D 154 33.45 -3.57 -8.64
CA SER D 154 34.45 -2.55 -8.45
C SER D 154 35.31 -2.36 -9.70
N SER D 155 35.63 -3.47 -10.41
CA SER D 155 36.39 -3.37 -11.66
C SER D 155 35.65 -2.53 -12.67
N ALA D 156 34.38 -2.83 -12.88
CA ALA D 156 33.62 -2.10 -13.91
C ALA D 156 33.45 -0.65 -13.51
N ARG D 157 33.18 -0.39 -12.24
CA ARG D 157 32.91 0.99 -11.76
C ARG D 157 34.17 1.84 -11.96
N ALA D 158 35.33 1.24 -11.71
CA ALA D 158 36.61 1.96 -11.91
C ALA D 158 36.82 2.30 -13.38
N GLY D 159 36.53 1.36 -14.27
CA GLY D 159 36.71 1.60 -15.70
C GLY D 159 35.80 2.71 -16.14
N ALA D 160 34.59 2.73 -15.60
CA ALA D 160 33.64 3.79 -15.96
C ALA D 160 34.18 5.12 -15.45
N THR D 161 34.83 5.10 -14.30
CA THR D 161 35.43 6.37 -13.85
C THR D 161 36.42 6.89 -14.88
N MET D 162 37.45 6.07 -15.15
CA MET D 162 38.44 6.40 -16.17
C MET D 162 37.79 6.86 -17.48
N MET D 163 36.77 6.18 -17.97
CA MET D 163 36.20 6.57 -19.28
C MET D 163 35.68 8.00 -19.24
N VAL D 164 34.94 8.36 -18.19
CA VAL D 164 34.33 9.72 -18.10
C VAL D 164 35.44 10.75 -18.10
N LYS D 165 36.53 10.47 -17.39
CA LYS D 165 37.63 11.44 -17.30
C LYS D 165 38.19 11.63 -18.70
N ASN D 166 38.32 10.56 -19.45
CA ASN D 166 38.86 10.63 -20.82
C ASN D 166 37.89 11.37 -21.74
N VAL D 167 36.58 11.15 -21.61
CA VAL D 167 35.64 11.92 -22.41
C VAL D 167 35.68 13.39 -21.99
N ALA D 168 35.70 13.65 -20.67
CA ALA D 168 35.73 15.01 -20.15
C ALA D 168 36.92 15.78 -20.71
N ALA D 169 38.07 15.13 -20.75
CA ALA D 169 39.29 15.75 -21.27
C ALA D 169 39.21 15.98 -22.78
N GLU D 170 38.85 14.94 -23.54
CA GLU D 170 38.80 15.05 -25.00
C GLU D 170 37.96 16.24 -25.37
N VAL D 171 36.76 16.33 -24.78
CA VAL D 171 35.83 17.32 -25.30
C VAL D 171 35.83 18.59 -24.47
N ALA D 172 36.75 18.72 -23.49
CA ALA D 172 36.95 20.02 -22.84
C ALA D 172 37.14 21.15 -23.85
N ARG D 173 37.97 20.90 -24.89
CA ARG D 173 38.29 21.92 -25.90
C ARG D 173 37.06 22.45 -26.62
N ASN D 174 36.05 21.60 -26.81
CA ASN D 174 34.85 21.73 -27.60
C ASN D 174 33.71 22.40 -26.86
N GLY D 175 33.97 22.82 -25.62
CA GLY D 175 32.96 23.52 -24.82
C GLY D 175 31.98 22.62 -24.09
N VAL D 176 32.22 21.30 -24.05
CA VAL D 176 31.36 20.33 -23.38
C VAL D 176 32.01 19.91 -22.05
N GLN D 177 31.32 20.13 -20.92
CA GLN D 177 31.79 19.66 -19.62
C GLN D 177 31.02 18.42 -19.18
N VAL D 178 31.75 17.48 -18.57
CA VAL D 178 31.21 16.17 -18.21
C VAL D 178 31.69 15.79 -16.82
N ASN D 179 30.77 15.66 -15.85
CA ASN D 179 31.12 15.38 -14.46
C ASN D 179 30.32 14.18 -13.94
N ALA D 180 30.78 13.67 -12.80
CA ALA D 180 30.22 12.50 -12.14
C ALA D 180 29.78 12.86 -10.73
N VAL D 181 28.59 12.43 -10.35
CA VAL D 181 28.14 12.55 -8.98
C VAL D 181 27.93 11.15 -8.43
N GLY D 182 28.46 10.88 -7.25
CA GLY D 182 28.31 9.55 -6.61
C GLY D 182 27.04 9.48 -5.82
N THR D 183 26.56 8.27 -5.53
CA THR D 183 25.26 8.11 -4.85
C THR D 183 25.43 7.36 -3.54
N ASN D 184 26.66 7.23 -3.06
CA ASN D 184 26.92 6.41 -1.85
C ASN D 184 26.10 6.95 -0.69
N PHE D 185 26.12 8.26 -0.48
CA PHE D 185 25.45 8.85 0.71
C PHE D 185 24.14 9.46 0.27
N MET D 186 23.58 8.99 -0.84
CA MET D 186 22.27 9.45 -1.35
C MET D 186 21.50 8.16 -1.62
N ASP D 187 21.19 7.39 -0.59
CA ASP D 187 20.60 6.04 -0.79
C ASP D 187 19.12 6.13 -1.08
N PHE D 188 18.75 6.66 -2.23
CA PHE D 188 17.34 6.66 -2.65
C PHE D 188 17.04 5.25 -3.15
N PRO D 189 15.83 4.71 -2.93
CA PRO D 189 15.56 3.33 -3.29
C PRO D 189 15.74 2.99 -4.78
N GLU D 190 15.40 3.89 -5.69
CA GLU D 190 15.45 3.58 -7.14
C GLU D 190 16.89 3.36 -7.59
N PHE D 191 17.85 3.92 -6.87
CA PHE D 191 19.26 3.84 -7.30
C PHE D 191 19.73 2.39 -7.26
N LEU D 192 19.30 1.64 -6.26
CA LEU D 192 19.82 0.26 -6.08
C LEU D 192 18.71 -0.76 -6.35
N ARG D 193 17.80 -0.47 -7.27
CA ARG D 193 16.63 -1.35 -7.51
C ARG D 193 17.05 -2.74 -7.98
N ALA D 194 17.97 -2.81 -8.94
CA ALA D 194 18.43 -4.16 -9.30
C ALA D 194 19.26 -4.69 -8.15
N SER D 195 18.94 -5.90 -7.68
CA SER D 195 19.67 -6.49 -6.54
C SER D 195 19.70 -5.54 -5.37
N GLY D 196 18.56 -5.12 -4.82
CA GLY D 196 18.66 -4.13 -3.73
C GLY D 196 17.98 -4.53 -2.45
N ALA D 197 17.03 -3.71 -2.00
CA ALA D 197 16.24 -4.04 -0.79
C ALA D 197 15.13 -4.95 -1.31
N ASN D 198 15.25 -5.35 -2.58
CA ASN D 198 14.30 -6.35 -3.14
C ASN D 198 14.41 -7.53 -2.17
N ASP D 199 15.57 -7.74 -1.57
CA ASP D 199 15.67 -8.74 -0.48
C ASP D 199 16.40 -8.03 0.66
N PRO D 200 16.03 -8.24 1.94
CA PRO D 200 16.76 -7.63 3.03
C PRO D 200 18.23 -8.10 3.07
N GLU D 201 18.54 -9.33 2.66
CA GLU D 201 19.92 -9.83 2.84
C GLU D 201 20.86 -9.34 1.74
N ILE D 202 20.32 -9.11 0.55
CA ILE D 202 21.17 -8.54 -0.51
C ILE D 202 21.61 -7.18 0.00
N ARG D 203 20.71 -6.46 0.67
CA ARG D 203 21.05 -5.10 1.14
C ARG D 203 22.22 -5.20 2.10
N ALA D 204 22.18 -6.13 3.03
CA ALA D 204 23.26 -6.24 4.03
C ALA D 204 24.56 -6.61 3.32
N ARG D 205 24.52 -7.52 2.37
CA ARG D 205 25.79 -7.93 1.74
C ARG D 205 26.37 -6.74 1.00
N ILE D 206 25.52 -5.97 0.33
CA ILE D 206 25.98 -4.76 -0.40
C ILE D 206 26.56 -3.76 0.60
N GLU D 207 25.93 -3.59 1.75
CA GLU D 207 26.37 -2.61 2.76
C GLU D 207 27.74 -3.04 3.27
N ALA D 208 27.93 -4.34 3.37
CA ALA D 208 29.24 -4.84 3.79
C ALA D 208 30.27 -4.42 2.74
N ALA D 209 29.92 -4.53 1.46
CA ALA D 209 30.89 -4.11 0.46
C ALA D 209 30.89 -2.60 0.15
N VAL D 210 29.75 -1.91 0.16
CA VAL D 210 29.74 -0.49 -0.23
C VAL D 210 29.15 0.32 0.92
N PRO D 211 29.79 1.40 1.34
CA PRO D 211 29.18 2.29 2.34
C PRO D 211 27.95 2.98 1.78
N LEU D 212 26.88 3.05 2.59
CA LEU D 212 25.65 3.72 2.16
C LEU D 212 25.18 4.70 3.22
N GLY D 213 24.26 5.59 2.81
CA GLY D 213 23.66 6.56 3.72
C GLY D 213 22.77 7.50 2.94
N ARG D 214 21.91 8.22 3.66
CA ARG D 214 21.01 9.18 3.03
C ARG D 214 21.12 10.51 3.78
N LEU D 215 21.79 11.46 3.14
CA LEU D 215 22.14 12.75 3.71
C LEU D 215 21.09 13.83 3.49
N GLY D 216 20.11 13.60 2.61
CA GLY D 216 19.11 14.59 2.30
C GLY D 216 17.96 13.98 1.51
N THR D 217 17.02 14.85 1.11
CA THR D 217 15.85 14.40 0.38
C THR D 217 16.12 14.39 -1.11
N VAL D 218 15.16 13.89 -1.90
CA VAL D 218 15.40 14.05 -3.33
C VAL D 218 15.32 15.51 -3.73
N GLU D 219 14.48 16.30 -3.06
CA GLU D 219 14.35 17.71 -3.42
C GLU D 219 15.70 18.39 -3.24
N GLU D 220 16.37 18.06 -2.11
CA GLU D 220 17.70 18.58 -1.83
C GLU D 220 18.71 18.04 -2.82
N PHE D 221 18.58 16.78 -3.22
CA PHE D 221 19.57 16.22 -4.14
C PHE D 221 19.50 16.88 -5.52
N ALA D 222 18.29 17.20 -5.99
CA ALA D 222 18.14 17.99 -7.19
C ALA D 222 18.86 19.33 -7.05
N SER D 223 18.61 20.02 -5.91
CA SER D 223 19.31 21.28 -5.62
C SER D 223 20.83 21.10 -5.77
N PHE D 224 21.36 20.04 -5.19
CA PHE D 224 22.78 19.77 -5.17
C PHE D 224 23.32 19.40 -6.53
N CYS D 225 22.50 18.86 -7.40
CA CYS D 225 23.05 18.39 -8.69
C CYS D 225 22.92 19.52 -9.70
N MET D 226 22.24 20.60 -9.33
CA MET D 226 21.96 21.70 -10.28
C MET D 226 23.22 22.35 -10.84
N PRO D 227 24.30 22.60 -10.07
CA PRO D 227 25.44 23.33 -10.62
C PRO D 227 25.98 22.69 -11.91
N PHE D 228 25.98 21.36 -11.97
CA PHE D 228 26.52 20.64 -13.15
C PHE D 228 25.56 20.74 -14.34
N ILE D 229 24.29 21.10 -14.12
CA ILE D 229 23.32 21.09 -15.25
C ILE D 229 22.58 22.43 -15.43
N ASP D 230 22.60 23.32 -14.44
CA ASP D 230 21.82 24.59 -14.52
C ASP D 230 22.34 25.49 -15.64
N GLY D 231 23.64 25.50 -15.85
CA GLY D 231 24.21 26.44 -16.84
C GLY D 231 24.74 27.69 -16.18
N THR D 232 24.77 27.69 -14.86
CA THR D 232 25.32 28.85 -14.13
C THR D 232 26.80 28.61 -13.86
N SER D 233 27.27 27.37 -14.03
CA SER D 233 28.67 27.06 -13.69
C SER D 233 29.33 26.24 -14.79
N LYS D 234 29.66 26.87 -15.89
CA LYS D 234 30.44 26.17 -16.95
C LYS D 234 31.92 26.22 -16.56
N PHE D 235 32.79 25.45 -17.23
CA PHE D 235 34.26 25.45 -17.00
C PHE D 235 34.72 24.42 -15.94
N THR D 236 33.81 23.71 -15.29
CA THR D 236 34.23 22.63 -14.36
C THR D 236 34.00 21.32 -15.09
N THR D 237 35.06 20.57 -15.32
CA THR D 237 34.89 19.32 -16.10
C THR D 237 35.69 18.21 -15.43
N GLY D 238 35.32 16.97 -15.69
CA GLY D 238 36.05 15.84 -15.16
C GLY D 238 36.16 15.84 -13.64
N GLN D 239 35.10 16.33 -12.99
CA GLN D 239 34.95 16.31 -11.53
C GLN D 239 34.35 14.99 -11.08
N PHE D 240 34.90 14.40 -10.01
CA PHE D 240 34.28 13.21 -9.46
C PHE D 240 33.82 13.50 -8.04
N ILE D 241 32.57 13.90 -7.89
CA ILE D 241 32.19 14.39 -6.57
C ILE D 241 31.41 13.30 -5.86
N ALA D 242 31.34 13.45 -4.53
CA ALA D 242 30.56 12.58 -3.66
C ALA D 242 30.93 11.12 -3.90
N TYR D 243 32.23 10.86 -3.98
CA TYR D 243 32.77 9.47 -4.07
C TYR D 243 32.39 8.73 -5.35
N ALA D 244 32.23 9.43 -6.46
CA ALA D 244 31.96 8.75 -7.74
C ALA D 244 33.18 7.94 -8.15
N GLY D 245 34.35 8.51 -7.93
CA GLY D 245 35.57 7.86 -8.42
C GLY D 245 36.34 7.20 -7.31
N GLY D 246 35.88 7.34 -6.08
CA GLY D 246 36.56 6.59 -5.02
C GLY D 246 36.74 7.38 -3.75
N TRP D 247 37.57 6.84 -2.87
CA TRP D 247 37.78 7.48 -1.56
C TRP D 247 39.16 8.10 -1.58
N ALA D 248 39.23 9.42 -1.42
CA ALA D 248 40.52 10.12 -1.51
C ALA D 248 40.36 11.52 -0.90
#